data_8YAA
#
_entry.id   8YAA
#
_cell.length_a   1.00
_cell.length_b   1.00
_cell.length_c   1.00
_cell.angle_alpha   90.00
_cell.angle_beta   90.00
_cell.angle_gamma   90.00
#
_symmetry.space_group_name_H-M   'P 1'
#
loop_
_entity.id
_entity.type
_entity.pdbx_description
1 polymer 'BRASSINOSTEROID INSENSITIVE 1-associated receptor kinase 1'
2 polymer 'MDIS1-interacting receptor like kinase 2'
3 polymer 'Serine rich endogenous peptide 12'
4 branched alpha-D-mannopyranose-(1-3)-[alpha-D-mannopyranose-(1-6)]beta-D-mannopyranose-(1-4)-2-acetamido-2-deoxy-beta-D-glucopyranose-(1-4)-2-acetamido-2-deoxy-beta-D-glucopyranose
5 branched 2-acetamido-2-deoxy-beta-D-glucopyranose-(1-4)-2-acetamido-2-deoxy-beta-D-glucopyranose
6 branched beta-D-mannopyranose-(1-4)-2-acetamido-2-deoxy-beta-D-glucopyranose-(1-4)-2-acetamido-2-deoxy-beta-D-glucopyranose
7 non-polymer 2-acetamido-2-deoxy-beta-D-glucopyranose
#
loop_
_entity_poly.entity_id
_entity_poly.type
_entity_poly.pdbx_seq_one_letter_code
_entity_poly.pdbx_strand_id
1 'polypeptide(L)'
;NAEGDALSALKNSLADPNKVLQSWDATLVTPCTWFHVTCNSDNSVTRVDLGNANLSGQLVMQLGQLPNLQYLELYSNNIT
GTIPEQLGNLTELVSLDLYLNNLSGPIPSTLGRLKKLRFLRLNNNSLSGEIPRSLTAVLTLQVLDLSNNPLTGDIPVNGS
FSLFTPISFANTKLTPL
;
C
2 'polypeptide(L)'
;AVSATVEEANALLKWKSTFTNQTSSSKLSSWVNPNTSSFCTSWYGVACSLGSIIRLNLTNTGIEGTFEDFPFSSLPNLTF
VDLSMNRFSGTISPLWGRFSKLEYFDLSINQLVGEIPPELGDLSNLDTLHLVENKLNGSIPSEIGRLTKVTEIAIYDNLL
TGPIPSSFGNLTKLVNLYLFINSLSGSIPSEIGNLPNLRELCLDRNNLTGKIPSSFGNLKNVTLLNMFENQLSGEIPPEI
GNMTALDTLSLHTNKLTGPIPSTLGNIKTLAVLHLYLNQLNGSIPPELGEMESMIDLEISENKLTGPVPDSFGKLTALEW
LFLRDNQLSGPIPPGIANSTELTVLQLDTNNFTGFLPDTICRGGKLENLTLDDNHFEGPVPKSLRDCKSLIRVRFKGNSF
SGDISEAFGVYPTLNFIDLSNNNFHGQLSANWEQSQKLVAFILSNNSITGAIPPEIWNMTQLSQLDLSSNRITGELPESI
SNINRISKLQLNGNRLSGKIPSGIRLLTNLEYLDLSSNRFSSEIPPTLNNLPRLYYMNLSRNDLDQTIPEGLTKLSQLQM
LDLSYNQLDGEISSQFRSLQNLERLDLSHNNLSGQIPPSFKDMLALTHVDVSHNNLQGPIPDNAAFRNAPPDAFEGNKDL
CGSVNTTQGLKPCS
;
A
3 'polypeptide(L)' PVRSSQSSQAGGR B
#
loop_
_chem_comp.id
_chem_comp.type
_chem_comp.name
_chem_comp.formula
BMA D-saccharide, beta linking beta-D-mannopyranose 'C6 H12 O6'
MAN D-saccharide, alpha linking alpha-D-mannopyranose 'C6 H12 O6'
NAG D-saccharide, beta linking 2-acetamido-2-deoxy-beta-D-glucopyranose 'C8 H15 N O6'
#
# COMPACT_ATOMS: atom_id res chain seq x y z
N ASN A 1 3.91 -3.87 -2.27
CA ASN A 1 5.23 -3.70 -1.69
C ASN A 1 5.17 -3.11 -0.29
N ALA A 2 6.17 -2.31 0.07
CA ALA A 2 6.25 -1.72 1.40
C ALA A 2 5.61 -0.35 1.50
N GLU A 3 5.83 0.52 0.51
CA GLU A 3 5.14 1.81 0.49
C GLU A 3 3.63 1.61 0.39
N GLY A 4 3.20 0.67 -0.45
CA GLY A 4 1.79 0.38 -0.55
C GLY A 4 1.19 -0.09 0.75
N ASP A 5 1.93 -0.93 1.49
CA ASP A 5 1.40 -1.45 2.74
C ASP A 5 1.37 -0.38 3.82
N ALA A 6 2.36 0.50 3.85
CA ALA A 6 2.32 1.62 4.79
C ALA A 6 1.14 2.55 4.49
N LEU A 7 0.90 2.84 3.21
CA LEU A 7 -0.23 3.69 2.85
C LEU A 7 -1.57 3.00 3.12
N SER A 8 -1.63 1.67 2.97
CA SER A 8 -2.84 0.94 3.30
C SER A 8 -3.12 0.99 4.80
N ALA A 9 -2.06 0.87 5.61
CA ALA A 9 -2.21 1.04 7.06
C ALA A 9 -2.71 2.44 7.38
N LEU A 10 -2.20 3.46 6.69
CA LEU A 10 -2.71 4.81 6.89
C LEU A 10 -4.19 4.90 6.52
N LYS A 11 -4.59 4.26 5.43
CA LYS A 11 -5.99 4.29 5.02
C LYS A 11 -6.90 3.65 6.06
N ASN A 12 -6.49 2.50 6.62
CA ASN A 12 -7.34 1.80 7.58
C ASN A 12 -7.55 2.58 8.86
N SER A 13 -6.67 3.52 9.17
CA SER A 13 -6.72 4.26 10.43
C SER A 13 -7.52 5.55 10.34
N LEU A 14 -8.22 5.79 9.24
CA LEU A 14 -8.89 7.07 9.02
C LEU A 14 -10.32 6.82 8.57
N ALA A 15 -11.11 7.89 8.58
CA ALA A 15 -12.48 7.89 8.11
C ALA A 15 -12.66 9.06 7.16
N ASP A 16 -13.39 8.81 6.07
CA ASP A 16 -13.57 9.76 4.98
C ASP A 16 -14.99 9.64 4.43
N PRO A 17 -15.85 10.63 4.67
CA PRO A 17 -17.19 10.60 4.06
C PRO A 17 -17.22 11.09 2.62
N ASN A 18 -16.17 11.75 2.15
CA ASN A 18 -16.10 12.26 0.78
C ASN A 18 -15.56 11.23 -0.20
N LYS A 19 -15.02 10.11 0.28
CA LYS A 19 -14.45 9.06 -0.56
C LYS A 19 -13.30 9.60 -1.42
N VAL A 20 -12.27 10.13 -0.72
CA VAL A 20 -11.07 10.59 -1.40
C VAL A 20 -9.96 9.54 -1.41
N LEU A 21 -10.09 8.47 -0.62
CA LEU A 21 -9.19 7.34 -0.67
C LEU A 21 -9.86 6.13 -1.32
N GLN A 22 -10.78 6.37 -2.24
CA GLN A 22 -11.52 5.28 -2.87
C GLN A 22 -10.62 4.44 -3.78
N SER A 23 -9.67 5.08 -4.47
CA SER A 23 -8.84 4.41 -5.45
C SER A 23 -7.63 3.72 -4.84
N TRP A 24 -7.39 3.87 -3.55
CA TRP A 24 -6.22 3.26 -2.93
C TRP A 24 -6.42 1.75 -2.79
N ASP A 25 -5.98 1.00 -3.80
CA ASP A 25 -6.18 -0.44 -3.86
C ASP A 25 -4.89 -1.15 -3.46
N ALA A 26 -4.96 -1.91 -2.36
CA ALA A 26 -3.80 -2.63 -1.87
C ALA A 26 -3.48 -3.89 -2.65
N THR A 27 -4.18 -4.14 -3.76
CA THR A 27 -3.98 -5.35 -4.55
C THR A 27 -2.92 -5.17 -5.63
N LEU A 28 -2.62 -3.95 -6.05
CA LEU A 28 -1.63 -3.71 -7.08
C LEU A 28 -0.21 -3.85 -6.52
N VAL A 29 0.76 -3.93 -7.43
CA VAL A 29 2.16 -4.07 -7.02
C VAL A 29 2.68 -2.79 -6.38
N THR A 30 2.33 -1.64 -6.94
CA THR A 30 2.91 -0.37 -6.50
C THR A 30 1.80 0.67 -6.41
N PRO A 31 1.92 1.63 -5.48
CA PRO A 31 0.92 2.70 -5.35
C PRO A 31 1.21 3.91 -6.22
N CYS A 32 1.39 3.68 -7.52
CA CYS A 32 1.74 4.75 -8.43
C CYS A 32 0.60 5.16 -9.37
N THR A 33 -0.44 4.33 -9.49
CA THR A 33 -1.64 4.70 -10.22
C THR A 33 -2.78 5.07 -9.28
N TRP A 34 -2.47 5.36 -8.02
CA TRP A 34 -3.47 5.88 -7.10
C TRP A 34 -3.57 7.39 -7.26
N PHE A 35 -4.67 7.95 -6.81
CA PHE A 35 -4.87 9.39 -6.86
C PHE A 35 -4.33 10.03 -5.60
N HIS A 36 -3.85 11.26 -5.74
CA HIS A 36 -3.22 12.06 -4.69
C HIS A 36 -1.87 11.50 -4.25
N VAL A 37 -1.33 10.52 -4.96
CA VAL A 37 -0.02 9.96 -4.66
C VAL A 37 0.81 9.96 -5.94
N THR A 38 2.00 10.55 -5.88
CA THR A 38 2.90 10.62 -7.02
C THR A 38 4.18 9.86 -6.72
N CYS A 39 4.60 9.02 -7.66
CA CYS A 39 5.82 8.24 -7.54
C CYS A 39 6.97 8.91 -8.28
N ASN A 40 8.17 8.38 -8.03
CA ASN A 40 9.39 8.85 -8.68
C ASN A 40 9.52 8.23 -10.06
N SER A 41 10.58 8.58 -10.77
CA SER A 41 10.84 8.03 -12.10
C SER A 41 11.14 6.53 -12.05
N ASP A 42 11.40 5.97 -10.88
CA ASP A 42 11.70 4.55 -10.72
C ASP A 42 10.87 3.95 -9.59
N ASN A 43 9.58 4.25 -9.58
CA ASN A 43 8.59 3.61 -8.72
C ASN A 43 8.90 3.77 -7.23
N SER A 44 8.90 5.03 -6.79
CA SER A 44 9.04 5.35 -5.38
C SER A 44 8.24 6.59 -5.07
N VAL A 45 7.38 6.51 -4.05
CA VAL A 45 6.50 7.62 -3.71
C VAL A 45 7.33 8.81 -3.23
N THR A 46 7.00 10.00 -3.73
CA THR A 46 7.71 11.22 -3.36
C THR A 46 6.82 12.33 -2.83
N ARG A 47 5.54 12.35 -3.18
CA ARG A 47 4.56 13.25 -2.60
C ARG A 47 3.37 12.46 -2.10
N VAL A 48 2.88 12.81 -0.91
CA VAL A 48 1.58 12.37 -0.44
C VAL A 48 0.87 13.63 0.00
N ASP A 49 0.01 14.17 -0.87
CA ASP A 49 -0.76 15.36 -0.58
C ASP A 49 -2.22 14.96 -0.48
N LEU A 50 -2.81 15.24 0.69
CA LEU A 50 -4.16 14.79 0.99
C LEU A 50 -4.90 15.88 1.77
N GLY A 51 -4.47 17.13 1.67
CA GLY A 51 -4.96 18.17 2.53
C GLY A 51 -6.28 18.74 2.08
N ASN A 52 -7.00 19.32 3.04
CA ASN A 52 -8.30 19.93 2.80
C ASN A 52 -9.28 18.94 2.18
N ALA A 53 -9.20 17.69 2.62
CA ALA A 53 -10.03 16.62 2.08
C ALA A 53 -10.99 16.05 3.13
N ASN A 54 -11.05 16.66 4.32
CA ASN A 54 -12.03 16.31 5.34
C ASN A 54 -11.86 14.86 5.81
N LEU A 55 -10.67 14.55 6.31
CA LEU A 55 -10.35 13.25 6.88
C LEU A 55 -10.47 13.35 8.40
N SER A 56 -10.82 12.24 9.05
CA SER A 56 -10.91 12.21 10.51
C SER A 56 -10.22 10.97 11.04
N GLY A 57 -9.37 11.13 12.05
CA GLY A 57 -8.78 9.96 12.67
C GLY A 57 -7.42 10.14 13.31
N GLN A 58 -6.57 9.11 13.18
CA GLN A 58 -5.29 9.03 13.87
C GLN A 58 -4.18 8.67 12.89
N LEU A 59 -3.01 9.29 13.06
CA LEU A 59 -1.82 8.85 12.34
C LEU A 59 -1.36 7.50 12.86
N VAL A 60 -0.48 6.86 12.09
CA VAL A 60 0.12 5.59 12.47
C VAL A 60 1.63 5.71 12.35
N MET A 61 2.33 4.73 12.91
CA MET A 61 3.77 4.72 12.92
C MET A 61 4.38 4.15 11.64
N GLN A 62 3.58 3.51 10.79
CA GLN A 62 4.09 2.99 9.53
C GLN A 62 4.52 4.10 8.57
N LEU A 63 4.01 5.33 8.77
CA LEU A 63 4.41 6.45 7.93
C LEU A 63 5.93 6.60 7.85
N GLY A 64 6.67 6.01 8.79
CA GLY A 64 8.11 6.14 8.80
C GLY A 64 8.87 5.21 7.89
N GLN A 65 8.21 4.25 7.23
CA GLN A 65 8.89 3.36 6.30
C GLN A 65 8.58 3.72 4.85
N LEU A 66 8.48 5.01 4.58
CA LEU A 66 8.42 5.55 3.23
C LEU A 66 9.77 6.22 2.95
N PRO A 67 10.78 5.45 2.55
CA PRO A 67 12.17 5.95 2.65
C PRO A 67 12.48 7.14 1.76
N ASN A 68 11.69 7.41 0.74
CA ASN A 68 12.04 8.42 -0.26
C ASN A 68 10.97 9.49 -0.39
N LEU A 69 10.04 9.57 0.56
CA LEU A 69 8.98 10.56 0.49
C LEU A 69 9.52 11.95 0.77
N GLN A 70 9.20 12.90 -0.11
CA GLN A 70 9.67 14.28 0.02
C GLN A 70 8.62 15.23 0.59
N TYR A 71 7.36 15.12 0.17
CA TYR A 71 6.33 16.05 0.61
C TYR A 71 5.22 15.30 1.34
N LEU A 72 4.85 15.80 2.53
CA LEU A 72 3.74 15.26 3.32
C LEU A 72 2.77 16.39 3.63
N GLU A 73 1.54 16.26 3.12
CA GLU A 73 0.52 17.29 3.22
C GLU A 73 -0.72 16.68 3.84
N LEU A 74 -1.10 17.15 5.04
CA LEU A 74 -2.32 16.71 5.69
C LEU A 74 -3.06 17.86 6.35
N TYR A 75 -2.71 19.10 6.03
CA TYR A 75 -3.25 20.26 6.71
C TYR A 75 -4.74 20.41 6.47
N SER A 76 -5.40 21.15 7.36
CA SER A 76 -6.80 21.55 7.22
C SER A 76 -7.72 20.34 7.20
N ASN A 77 -7.62 19.51 8.23
CA ASN A 77 -8.42 18.30 8.35
C ASN A 77 -8.80 18.14 9.82
N ASN A 78 -9.26 16.95 10.18
CA ASN A 78 -9.80 16.70 11.52
C ASN A 78 -9.14 15.47 12.13
N ILE A 79 -7.82 15.42 12.11
CA ILE A 79 -7.07 14.34 12.74
C ILE A 79 -6.78 14.68 14.19
N THR A 80 -7.01 13.72 15.07
CA THR A 80 -6.71 13.84 16.50
C THR A 80 -5.69 12.79 16.90
N GLY A 81 -4.86 13.13 17.89
CA GLY A 81 -3.85 12.21 18.38
C GLY A 81 -2.53 12.89 18.68
N THR A 82 -1.44 12.15 18.56
CA THR A 82 -0.11 12.71 18.77
C THR A 82 0.78 12.37 17.58
N ILE A 83 1.81 13.19 17.38
CA ILE A 83 2.75 13.00 16.28
C ILE A 83 3.67 11.84 16.61
N PRO A 84 3.74 10.81 15.78
CA PRO A 84 4.64 9.68 16.07
C PRO A 84 6.10 10.11 16.03
N GLU A 85 6.95 9.26 16.61
CA GLU A 85 8.38 9.49 16.60
C GLU A 85 9.05 8.96 15.34
N GLN A 86 8.43 7.97 14.70
CA GLN A 86 9.02 7.35 13.50
C GLN A 86 9.11 8.32 12.34
N LEU A 87 8.44 9.48 12.41
CA LEU A 87 8.64 10.52 11.42
C LEU A 87 10.08 11.00 11.37
N GLY A 88 10.91 10.64 12.35
CA GLY A 88 12.32 10.94 12.27
C GLY A 88 13.10 10.06 11.34
N ASN A 89 12.49 9.02 10.80
CA ASN A 89 13.12 8.10 9.87
C ASN A 89 12.97 8.51 8.41
N LEU A 90 12.24 9.58 8.13
CA LEU A 90 12.07 10.05 6.74
C LEU A 90 13.25 10.94 6.37
N THR A 91 14.38 10.27 6.15
CA THR A 91 15.68 10.96 6.11
C THR A 91 15.75 12.02 5.02
N GLU A 92 14.96 11.87 3.95
CA GLU A 92 14.97 12.83 2.85
C GLU A 92 13.58 13.42 2.74
N LEU A 93 13.33 14.50 3.48
CA LEU A 93 12.03 15.14 3.52
C LEU A 93 12.23 16.63 3.51
N VAL A 94 11.43 17.35 2.72
CA VAL A 94 11.62 18.78 2.50
C VAL A 94 10.59 19.61 3.24
N SER A 95 9.34 19.16 3.28
CA SER A 95 8.27 19.95 3.88
C SER A 95 7.35 19.06 4.68
N LEU A 96 6.89 19.57 5.83
CA LEU A 96 5.94 18.85 6.68
C LEU A 96 4.79 19.80 6.99
N ASP A 97 3.64 19.59 6.36
CA ASP A 97 2.47 20.43 6.58
C ASP A 97 1.45 19.63 7.38
N LEU A 98 1.18 20.09 8.61
CA LEU A 98 0.31 19.32 9.49
C LEU A 98 -0.64 20.20 10.30
N TYR A 99 -0.98 21.39 9.82
CA TYR A 99 -1.66 22.38 10.65
C TYR A 99 -3.18 22.28 10.52
N LEU A 100 -3.87 23.11 11.31
CA LEU A 100 -5.33 23.16 11.33
C LEU A 100 -5.94 21.79 11.62
N ASN A 101 -5.38 21.10 12.61
CA ASN A 101 -5.84 19.80 13.06
C ASN A 101 -6.08 19.86 14.57
N ASN A 102 -6.34 18.70 15.16
CA ASN A 102 -6.53 18.57 16.60
C ASN A 102 -5.48 17.64 17.21
N LEU A 103 -4.23 17.79 16.76
CA LEU A 103 -3.15 16.97 17.30
C LEU A 103 -2.89 17.34 18.77
N SER A 104 -2.48 16.34 19.54
CA SER A 104 -2.16 16.54 20.95
C SER A 104 -0.77 16.01 21.27
N GLY A 105 -0.42 15.98 22.55
CA GLY A 105 0.85 15.44 22.99
C GLY A 105 2.01 16.38 22.74
N PRO A 106 3.24 15.88 22.94
CA PRO A 106 4.42 16.71 22.70
C PRO A 106 4.98 16.54 21.29
N ILE A 107 5.79 17.51 20.87
CA ILE A 107 6.51 17.41 19.60
C ILE A 107 7.70 16.46 19.78
N PRO A 108 7.80 15.40 18.99
CA PRO A 108 8.91 14.46 19.17
C PRO A 108 10.26 15.13 18.96
N SER A 109 11.25 14.66 19.71
CA SER A 109 12.61 15.18 19.58
C SER A 109 13.36 14.58 18.40
N THR A 110 12.86 13.47 17.85
CA THR A 110 13.54 12.81 16.74
C THR A 110 13.53 13.62 15.46
N LEU A 111 12.72 14.68 15.39
CA LEU A 111 12.69 15.55 14.23
C LEU A 111 14.03 16.18 13.94
N GLY A 112 15.00 16.08 14.85
CA GLY A 112 16.33 16.58 14.58
C GLY A 112 17.15 15.72 13.65
N ARG A 113 16.67 14.52 13.31
CA ARG A 113 17.41 13.67 12.38
C ARG A 113 17.24 14.10 10.93
N LEU A 114 16.32 15.02 10.64
CA LEU A 114 15.96 15.36 9.26
C LEU A 114 16.78 16.57 8.83
N LYS A 115 17.80 16.34 8.01
CA LYS A 115 18.76 17.39 7.69
C LYS A 115 18.32 18.26 6.52
N LYS A 116 17.53 17.73 5.60
CA LYS A 116 17.13 18.47 4.41
C LYS A 116 15.80 19.21 4.56
N LEU A 117 15.18 19.14 5.73
CA LEU A 117 13.87 19.74 5.92
C LEU A 117 13.93 21.25 5.77
N ARG A 118 12.93 21.83 5.11
CA ARG A 118 12.87 23.25 4.84
C ARG A 118 11.62 23.95 5.33
N PHE A 119 10.52 23.23 5.54
CA PHE A 119 9.25 23.83 5.92
C PHE A 119 8.65 23.03 7.06
N LEU A 120 8.42 23.68 8.20
CA LEU A 120 7.63 23.09 9.28
C LEU A 120 6.40 23.93 9.52
N ARG A 121 5.21 23.33 9.37
CA ARG A 121 3.98 24.02 9.73
C ARG A 121 3.11 23.09 10.58
N LEU A 122 3.17 23.29 11.90
CA LEU A 122 2.41 22.51 12.86
C LEU A 122 1.33 23.32 13.54
N ASN A 123 1.15 24.59 13.16
CA ASN A 123 0.45 25.54 14.00
C ASN A 123 -1.04 25.20 14.12
N ASN A 124 -1.69 25.89 15.06
CA ASN A 124 -3.13 25.88 15.26
C ASN A 124 -3.63 24.47 15.57
N ASN A 125 -3.17 23.97 16.72
CA ASN A 125 -3.43 22.65 17.24
C ASN A 125 -3.49 22.76 18.75
N SER A 126 -3.41 21.63 19.46
CA SER A 126 -3.25 21.62 20.90
C SER A 126 -2.08 20.70 21.25
N LEU A 127 -0.87 21.23 21.19
CA LEU A 127 0.35 20.49 21.51
C LEU A 127 1.03 21.13 22.71
N SER A 128 1.61 20.30 23.57
CA SER A 128 2.24 20.77 24.81
C SER A 128 3.58 20.09 24.99
N GLY A 129 4.62 20.88 25.20
CA GLY A 129 5.96 20.33 25.37
C GLY A 129 7.01 21.37 25.67
N GLU A 130 8.20 21.23 25.07
CA GLU A 130 9.31 22.12 25.38
C GLU A 130 10.12 22.57 24.17
N ILE A 131 9.66 22.30 22.95
CA ILE A 131 10.43 22.61 21.73
C ILE A 131 11.80 21.97 21.88
N PRO A 132 11.92 20.66 21.68
CA PRO A 132 13.07 19.89 22.18
C PRO A 132 14.46 20.49 21.98
N ARG A 133 14.58 21.47 21.08
CA ARG A 133 15.78 22.23 20.75
C ARG A 133 16.76 21.42 19.90
N SER A 134 16.49 20.14 19.63
CA SER A 134 17.27 19.43 18.63
C SER A 134 17.00 19.94 17.22
N LEU A 135 15.93 20.72 17.04
CA LEU A 135 15.60 21.25 15.72
C LEU A 135 16.69 22.19 15.20
N THR A 136 17.51 22.74 16.09
CA THR A 136 18.60 23.62 15.67
C THR A 136 19.71 22.83 15.00
N ALA A 137 19.56 21.50 14.95
CA ALA A 137 20.56 20.63 14.35
C ALA A 137 20.29 20.35 12.87
N VAL A 138 19.21 20.88 12.31
CA VAL A 138 18.89 20.60 10.91
C VAL A 138 19.50 21.64 9.99
N LEU A 139 19.46 22.91 10.38
CA LEU A 139 20.25 24.00 9.80
C LEU A 139 19.79 24.40 8.41
N THR A 140 18.90 23.62 7.78
CA THR A 140 18.33 24.04 6.50
C THR A 140 17.11 24.93 6.74
N LEU A 141 16.03 24.34 7.26
CA LEU A 141 14.97 24.99 8.02
C LEU A 141 14.64 26.41 7.58
N GLN A 142 14.20 26.61 6.34
CA GLN A 142 13.92 27.96 5.87
C GLN A 142 12.82 28.63 6.69
N VAL A 143 11.68 27.95 6.87
CA VAL A 143 10.58 28.53 7.63
C VAL A 143 9.97 27.51 8.57
N LEU A 144 9.68 27.96 9.79
CA LEU A 144 8.97 27.21 10.81
C LEU A 144 7.83 28.10 11.32
N ASP A 145 6.67 27.49 11.58
CA ASP A 145 5.54 28.28 12.07
C ASP A 145 4.64 27.38 12.92
N LEU A 146 4.65 27.59 14.22
CA LEU A 146 3.73 26.97 15.16
C LEU A 146 3.30 28.02 16.18
N SER A 147 2.07 28.52 16.04
CA SER A 147 1.69 29.74 16.74
C SER A 147 0.25 29.74 17.27
N ASN A 148 -0.29 28.59 17.67
CA ASN A 148 -1.54 28.61 18.42
C ASN A 148 -1.65 27.60 19.55
N ASN A 149 -0.65 26.78 19.79
CA ASN A 149 -0.79 25.74 20.80
C ASN A 149 0.25 25.90 21.93
N PRO A 150 -0.11 25.51 23.16
CA PRO A 150 0.73 25.86 24.33
C PRO A 150 2.00 25.04 24.42
N LEU A 151 3.13 25.68 24.12
CA LEU A 151 4.44 25.02 24.19
C LEU A 151 5.32 25.71 25.22
N THR A 152 4.77 25.96 26.41
CA THR A 152 5.36 26.85 27.39
C THR A 152 6.81 26.51 27.72
N GLY A 153 7.65 27.55 27.80
CA GLY A 153 8.91 27.44 28.51
C GLY A 153 10.16 28.12 27.98
N ASP A 154 10.37 28.17 26.66
CA ASP A 154 11.61 28.76 26.15
C ASP A 154 11.58 28.84 24.64
N ILE A 155 12.24 29.87 24.10
CA ILE A 155 12.52 29.96 22.67
C ILE A 155 14.03 29.83 22.49
N PRO A 156 14.53 28.69 22.02
CA PRO A 156 15.97 28.54 21.84
C PRO A 156 16.52 29.48 20.80
N VAL A 157 17.76 29.91 21.01
CA VAL A 157 18.40 30.86 20.11
C VAL A 157 19.75 30.28 19.67
N ASN A 158 19.83 28.96 19.54
CA ASN A 158 21.02 28.37 18.95
C ASN A 158 21.17 28.84 17.50
N GLY A 159 22.24 28.36 16.86
CA GLY A 159 22.62 28.88 15.55
C GLY A 159 21.49 28.97 14.55
N SER A 160 20.50 28.08 14.66
CA SER A 160 19.42 28.06 13.69
C SER A 160 18.36 29.12 14.01
N PHE A 161 17.80 29.08 15.21
CA PHE A 161 16.68 29.95 15.57
C PHE A 161 17.18 31.35 15.91
N SER A 162 17.85 31.96 14.94
CA SER A 162 18.36 33.32 15.09
C SER A 162 17.81 34.31 14.09
N LEU A 163 17.13 33.85 13.03
CA LEU A 163 16.60 34.72 11.99
C LEU A 163 15.08 34.82 12.03
N PHE A 164 14.44 34.25 13.05
CA PHE A 164 12.99 34.17 13.09
C PHE A 164 12.42 35.41 13.76
N THR A 165 11.10 35.52 13.78
CA THR A 165 10.39 36.70 14.23
C THR A 165 9.31 36.31 15.23
N PRO A 166 8.86 37.26 16.06
CA PRO A 166 7.83 36.92 17.07
C PRO A 166 6.51 36.46 16.48
N ILE A 167 6.27 36.68 15.17
CA ILE A 167 4.99 36.30 14.58
C ILE A 167 4.80 34.79 14.67
N SER A 168 5.90 34.03 14.70
CA SER A 168 5.83 32.63 15.06
C SER A 168 5.90 32.49 16.58
N PHE A 169 5.30 31.40 17.10
CA PHE A 169 5.24 31.12 18.54
C PHE A 169 4.23 32.03 19.24
N ALA A 170 3.44 32.77 18.46
CA ALA A 170 2.48 33.69 19.05
C ALA A 170 1.34 32.93 19.71
N ASN A 171 0.83 33.48 20.81
CA ASN A 171 -0.35 32.94 21.50
C ASN A 171 -0.12 31.49 21.96
N THR A 172 1.09 31.19 22.39
CA THR A 172 1.47 29.81 22.69
C THR A 172 1.96 29.62 24.12
N LYS A 173 1.81 30.64 24.97
CA LYS A 173 2.20 30.60 26.38
C LYS A 173 3.70 30.44 26.58
N LEU A 174 4.51 30.75 25.58
CA LEU A 174 5.96 30.68 25.72
C LEU A 174 6.49 31.80 26.59
N THR A 175 6.35 33.03 26.11
CA THR A 175 6.85 34.28 26.69
C THR A 175 8.21 34.13 27.38
N PRO A 176 9.28 33.76 26.66
CA PRO A 176 10.62 33.97 27.20
C PRO A 176 11.19 35.28 26.69
N LEU A 177 10.49 35.88 25.74
CA LEU A 177 10.86 37.16 25.17
C LEU A 177 9.64 37.83 24.58
N ALA B 1 -15.70 -39.50 44.53
CA ALA B 1 -16.32 -38.72 43.48
C ALA B 1 -17.34 -37.75 44.06
N VAL B 2 -18.57 -38.25 44.28
CA VAL B 2 -19.62 -37.42 44.87
C VAL B 2 -19.18 -36.90 46.24
N SER B 3 -18.53 -37.76 47.03
CA SER B 3 -17.92 -37.29 48.27
C SER B 3 -16.65 -36.50 48.00
N ALA B 4 -15.94 -36.79 46.91
CA ALA B 4 -14.74 -36.04 46.54
C ALA B 4 -15.09 -34.71 45.87
N THR B 5 -16.29 -34.60 45.31
CA THR B 5 -16.71 -33.32 44.76
C THR B 5 -16.75 -32.23 45.82
N VAL B 6 -16.86 -32.59 47.10
CA VAL B 6 -16.71 -31.61 48.16
C VAL B 6 -15.39 -30.87 48.01
N GLU B 7 -14.28 -31.61 48.05
CA GLU B 7 -12.96 -31.00 47.93
C GLU B 7 -12.79 -30.35 46.56
N GLU B 8 -13.27 -31.00 45.50
CA GLU B 8 -13.13 -30.45 44.16
C GLU B 8 -13.79 -29.09 44.05
N ALA B 9 -15.06 -28.99 44.45
CA ALA B 9 -15.77 -27.72 44.37
C ALA B 9 -15.20 -26.69 45.33
N ASN B 10 -14.72 -27.11 46.50
CA ASN B 10 -14.12 -26.15 47.41
C ASN B 10 -12.89 -25.51 46.78
N ALA B 11 -12.03 -26.33 46.16
CA ALA B 11 -10.89 -25.80 45.44
C ALA B 11 -11.34 -24.90 44.29
N LEU B 12 -12.43 -25.27 43.62
CA LEU B 12 -12.93 -24.47 42.50
C LEU B 12 -13.39 -23.09 42.96
N LEU B 13 -14.12 -23.01 44.09
CA LEU B 13 -14.50 -21.71 44.63
C LEU B 13 -13.28 -20.92 45.09
N LYS B 14 -12.31 -21.59 45.70
CA LYS B 14 -11.11 -20.87 46.13
C LYS B 14 -10.37 -20.27 44.94
N TRP B 15 -10.29 -21.02 43.84
CA TRP B 15 -9.69 -20.52 42.61
C TRP B 15 -10.51 -19.36 42.03
N LYS B 16 -11.84 -19.52 42.00
CA LYS B 16 -12.70 -18.49 41.42
C LYS B 16 -12.59 -17.18 42.20
N SER B 17 -12.50 -17.27 43.52
CA SER B 17 -12.39 -16.08 44.36
C SER B 17 -11.08 -15.33 44.18
N THR B 18 -10.22 -15.76 43.26
CA THR B 18 -8.96 -15.10 42.97
C THR B 18 -9.03 -14.26 41.70
N PHE B 19 -10.16 -14.27 41.01
CA PHE B 19 -10.30 -13.53 39.76
C PHE B 19 -10.44 -12.04 40.07
N THR B 20 -10.63 -11.23 39.03
CA THR B 20 -10.95 -9.82 39.20
C THR B 20 -12.05 -9.45 38.20
N ASN B 21 -12.80 -8.40 38.52
CA ASN B 21 -13.84 -7.87 37.65
C ASN B 21 -14.90 -8.91 37.30
N GLN B 22 -15.22 -9.79 38.24
CA GLN B 22 -16.20 -10.85 37.99
C GLN B 22 -17.63 -10.32 37.91
N THR B 23 -17.87 -9.06 38.27
CA THR B 23 -19.23 -8.57 38.42
C THR B 23 -19.96 -8.50 37.09
N SER B 24 -19.26 -8.11 36.02
CA SER B 24 -19.92 -7.96 34.73
C SER B 24 -20.41 -9.30 34.20
N SER B 25 -19.54 -10.31 34.19
CA SER B 25 -19.89 -11.64 33.69
C SER B 25 -20.54 -12.44 34.81
N SER B 26 -21.82 -12.13 35.05
CA SER B 26 -22.60 -12.89 36.02
C SER B 26 -22.89 -14.32 35.57
N LYS B 27 -22.39 -14.72 34.40
CA LYS B 27 -22.58 -16.09 33.94
C LYS B 27 -21.88 -17.08 34.86
N LEU B 28 -20.67 -16.76 35.30
CA LEU B 28 -19.93 -17.62 36.21
C LEU B 28 -20.45 -17.54 37.64
N SER B 29 -21.33 -16.58 37.94
CA SER B 29 -21.89 -16.42 39.27
C SER B 29 -22.78 -17.59 39.69
N SER B 30 -23.17 -18.45 38.76
CA SER B 30 -24.03 -19.59 39.07
C SER B 30 -23.33 -20.66 39.88
N TRP B 31 -22.10 -20.45 40.32
CA TRP B 31 -21.38 -21.42 41.16
C TRP B 31 -21.76 -21.14 42.60
N VAL B 32 -22.63 -21.99 43.16
CA VAL B 32 -23.19 -21.80 44.48
C VAL B 32 -22.90 -23.05 45.32
N ASN B 33 -23.53 -23.11 46.50
CA ASN B 33 -23.25 -24.06 47.56
C ASN B 33 -23.02 -25.48 47.05
N PRO B 34 -21.83 -26.03 47.27
CA PRO B 34 -21.58 -27.44 46.91
C PRO B 34 -22.32 -28.38 47.85
N ASN B 35 -23.14 -29.24 47.29
CA ASN B 35 -23.97 -30.16 48.07
C ASN B 35 -24.17 -31.42 47.24
N THR B 36 -25.22 -32.17 47.53
CA THR B 36 -25.43 -33.50 46.96
C THR B 36 -25.77 -33.37 45.48
N SER B 37 -24.73 -33.13 44.68
CA SER B 37 -24.73 -33.21 43.22
C SER B 37 -25.58 -32.15 42.54
N SER B 38 -25.99 -31.09 43.25
CA SER B 38 -26.72 -30.02 42.59
C SER B 38 -25.83 -29.26 41.63
N PHE B 39 -24.54 -29.16 41.93
CA PHE B 39 -23.65 -28.36 41.11
C PHE B 39 -23.46 -28.98 39.72
N CYS B 40 -23.38 -30.32 39.65
CA CYS B 40 -23.37 -30.98 38.35
C CYS B 40 -24.53 -30.54 37.47
N THR B 41 -25.73 -30.42 38.07
CA THR B 41 -26.90 -30.06 37.29
C THR B 41 -26.99 -28.56 37.01
N SER B 42 -26.40 -27.73 37.86
CA SER B 42 -26.59 -26.29 37.75
C SER B 42 -25.33 -25.49 37.45
N TRP B 43 -24.14 -26.03 37.69
CA TRP B 43 -22.91 -25.27 37.48
C TRP B 43 -22.57 -25.19 36.00
N TYR B 44 -22.34 -23.97 35.53
CA TYR B 44 -21.98 -23.75 34.12
C TYR B 44 -20.58 -24.28 33.85
N GLY B 45 -20.37 -24.71 32.60
CA GLY B 45 -19.05 -25.12 32.15
C GLY B 45 -18.46 -26.28 32.90
N VAL B 46 -19.29 -27.14 33.48
CA VAL B 46 -18.82 -28.28 34.28
C VAL B 46 -19.67 -29.49 33.93
N ALA B 47 -19.02 -30.64 33.79
CA ALA B 47 -19.71 -31.91 33.59
C ALA B 47 -19.02 -32.97 34.43
N CYS B 48 -19.83 -33.82 35.08
CA CYS B 48 -19.30 -34.90 35.90
C CYS B 48 -19.72 -36.22 35.30
N SER B 49 -18.83 -37.21 35.39
CA SER B 49 -19.15 -38.59 35.14
C SER B 49 -18.99 -39.36 36.44
N LEU B 50 -20.00 -40.15 36.78
CA LEU B 50 -20.07 -40.89 38.04
C LEU B 50 -19.72 -40.00 39.23
N GLY B 51 -20.06 -38.72 39.13
CA GLY B 51 -19.83 -37.79 40.21
C GLY B 51 -18.44 -37.18 40.28
N SER B 52 -17.69 -37.12 39.18
CA SER B 52 -16.39 -36.47 39.20
C SER B 52 -16.20 -35.64 37.93
N ILE B 53 -15.41 -34.58 38.06
CA ILE B 53 -15.22 -33.63 36.97
C ILE B 53 -14.57 -34.32 35.77
N ILE B 54 -15.04 -34.01 34.57
CA ILE B 54 -14.50 -34.57 33.34
C ILE B 54 -14.08 -33.48 32.37
N ARG B 55 -14.93 -32.46 32.22
CA ARG B 55 -14.72 -31.41 31.22
C ARG B 55 -14.72 -30.04 31.89
N LEU B 56 -13.80 -29.18 31.45
CA LEU B 56 -13.79 -27.77 31.85
C LEU B 56 -13.83 -26.90 30.60
N ASN B 57 -15.00 -26.35 30.32
CA ASN B 57 -15.23 -25.49 29.16
C ASN B 57 -15.57 -24.10 29.66
N LEU B 58 -14.72 -23.12 29.32
CA LEU B 58 -14.90 -21.74 29.77
C LEU B 58 -14.58 -20.77 28.64
N THR B 59 -15.15 -21.03 27.46
CA THR B 59 -14.91 -20.17 26.30
C THR B 59 -15.56 -18.80 26.48
N ASN B 60 -14.80 -17.75 26.17
CA ASN B 60 -15.34 -16.43 25.88
C ASN B 60 -16.19 -15.90 27.03
N THR B 61 -15.77 -16.22 28.26
CA THR B 61 -16.55 -15.89 29.44
C THR B 61 -15.97 -14.73 30.25
N GLY B 62 -14.93 -14.08 29.76
CA GLY B 62 -14.44 -12.85 30.38
C GLY B 62 -13.64 -13.02 31.64
N ILE B 63 -13.22 -14.23 31.97
CA ILE B 63 -12.45 -14.47 33.20
C ILE B 63 -11.17 -13.64 33.19
N GLU B 64 -10.66 -13.34 34.37
CA GLU B 64 -9.38 -12.71 34.61
C GLU B 64 -8.67 -13.42 35.75
N GLY B 65 -7.39 -13.72 35.56
CA GLY B 65 -6.64 -14.31 36.65
C GLY B 65 -5.31 -14.87 36.20
N THR B 66 -4.83 -15.84 36.95
CA THR B 66 -3.63 -16.59 36.61
C THR B 66 -3.92 -18.06 36.88
N PHE B 67 -2.87 -18.87 36.85
CA PHE B 67 -2.98 -20.30 37.13
C PHE B 67 -2.19 -20.66 38.39
N GLU B 68 -2.12 -19.73 39.34
CA GLU B 68 -1.36 -19.96 40.56
C GLU B 68 -2.06 -20.97 41.47
N ASP B 69 -3.36 -20.82 41.65
CA ASP B 69 -4.13 -21.66 42.56
C ASP B 69 -5.02 -22.65 41.80
N PHE B 70 -4.54 -23.17 40.68
CA PHE B 70 -5.30 -24.20 39.99
C PHE B 70 -5.10 -25.54 40.69
N PRO B 71 -6.16 -26.23 41.06
CA PRO B 71 -6.01 -27.48 41.81
C PRO B 71 -5.42 -28.62 40.98
N PHE B 72 -4.11 -28.58 40.74
CA PHE B 72 -3.46 -29.68 40.03
C PHE B 72 -3.47 -30.97 40.83
N SER B 73 -3.54 -30.86 42.17
CA SER B 73 -3.45 -32.02 43.04
C SER B 73 -4.81 -32.49 43.55
N SER B 74 -5.90 -32.02 42.94
CA SER B 74 -7.24 -32.38 43.36
C SER B 74 -8.11 -32.95 42.25
N LEU B 75 -7.62 -33.00 41.01
CA LEU B 75 -8.44 -33.30 39.84
C LEU B 75 -7.80 -34.44 39.06
N PRO B 76 -7.93 -35.68 39.53
CA PRO B 76 -7.32 -36.80 38.81
C PRO B 76 -8.16 -37.33 37.65
N ASN B 77 -9.34 -36.78 37.41
CA ASN B 77 -10.24 -37.30 36.38
C ASN B 77 -10.59 -36.25 35.33
N LEU B 78 -9.94 -35.10 35.35
CA LEU B 78 -10.12 -34.12 34.28
C LEU B 78 -9.59 -34.67 32.96
N THR B 79 -10.43 -34.64 31.92
CA THR B 79 -10.03 -35.15 30.62
C THR B 79 -10.14 -34.14 29.48
N PHE B 80 -11.03 -33.16 29.57
CA PHE B 80 -11.17 -32.14 28.53
C PHE B 80 -10.88 -30.77 29.15
N VAL B 81 -9.93 -30.03 28.60
CA VAL B 81 -9.63 -28.69 29.11
C VAL B 81 -9.65 -27.71 27.95
N ASP B 82 -10.58 -26.75 27.99
CA ASP B 82 -10.65 -25.70 26.98
C ASP B 82 -10.88 -24.38 27.70
N LEU B 83 -9.93 -23.46 27.58
CA LEU B 83 -9.98 -22.17 28.24
C LEU B 83 -9.67 -21.05 27.25
N SER B 84 -10.16 -21.19 26.02
CA SER B 84 -9.86 -20.21 24.99
C SER B 84 -10.65 -18.92 25.20
N MET B 85 -10.11 -17.83 24.64
CA MET B 85 -10.76 -16.53 24.61
C MET B 85 -11.08 -16.04 26.03
N ASN B 86 -10.00 -15.84 26.77
CA ASN B 86 -10.08 -15.27 28.11
C ASN B 86 -8.87 -14.35 28.27
N ARG B 87 -8.59 -13.96 29.51
CA ARG B 87 -7.44 -13.10 29.77
C ARG B 87 -6.53 -13.72 30.83
N PHE B 88 -6.43 -15.05 30.85
CA PHE B 88 -5.49 -15.72 31.74
C PHE B 88 -4.06 -15.29 31.39
N SER B 89 -3.26 -15.03 32.42
CA SER B 89 -1.89 -14.59 32.24
C SER B 89 -0.97 -15.49 33.06
N GLY B 90 0.32 -15.13 33.09
CA GLY B 90 1.31 -15.89 33.83
C GLY B 90 2.18 -16.75 32.95
N THR B 91 2.43 -17.98 33.37
CA THR B 91 3.20 -18.95 32.61
C THR B 91 2.44 -20.28 32.59
N ILE B 92 3.03 -21.27 31.94
CA ILE B 92 2.47 -22.62 31.90
C ILE B 92 3.25 -23.48 32.88
N SER B 93 2.56 -23.95 33.91
CA SER B 93 3.22 -24.71 34.97
C SER B 93 3.56 -26.12 34.49
N PRO B 94 4.69 -26.67 34.93
CA PRO B 94 5.01 -28.08 34.60
C PRO B 94 4.00 -29.05 35.15
N LEU B 95 3.28 -28.71 36.23
CA LEU B 95 2.32 -29.63 36.81
C LEU B 95 1.20 -29.98 35.84
N TRP B 96 0.96 -29.13 34.84
CA TRP B 96 0.01 -29.45 33.77
C TRP B 96 0.29 -30.80 33.14
N GLY B 97 1.50 -31.31 33.27
CA GLY B 97 1.85 -32.60 32.71
C GLY B 97 1.42 -33.80 33.50
N ARG B 98 0.73 -33.63 34.63
CA ARG B 98 0.45 -34.74 35.53
C ARG B 98 -1.00 -35.23 35.43
N PHE B 99 -1.76 -34.76 34.45
CA PHE B 99 -3.12 -35.25 34.20
C PHE B 99 -3.03 -36.50 33.33
N SER B 100 -3.29 -37.66 33.92
CA SER B 100 -3.02 -38.93 33.26
C SER B 100 -4.02 -39.25 32.15
N LYS B 101 -5.21 -38.66 32.17
CA LYS B 101 -6.24 -38.98 31.18
C LYS B 101 -6.63 -37.77 30.33
N LEU B 102 -5.77 -36.77 30.24
CA LEU B 102 -6.07 -35.60 29.43
C LEU B 102 -6.04 -35.96 27.96
N GLU B 103 -7.07 -35.53 27.22
CA GLU B 103 -7.15 -35.76 25.78
C GLU B 103 -7.09 -34.46 24.98
N TYR B 104 -8.00 -33.53 25.25
CA TYR B 104 -8.08 -32.29 24.50
C TYR B 104 -7.52 -31.17 25.37
N PHE B 105 -6.50 -30.46 24.85
CA PHE B 105 -5.80 -29.45 25.65
C PHE B 105 -5.71 -28.17 24.84
N ASP B 106 -6.55 -27.19 25.18
CA ASP B 106 -6.55 -25.90 24.53
C ASP B 106 -6.21 -24.80 25.53
N LEU B 107 -5.21 -23.99 25.19
CA LEU B 107 -4.90 -22.77 25.90
C LEU B 107 -4.73 -21.61 24.93
N SER B 108 -5.75 -21.40 24.09
CA SER B 108 -5.69 -20.41 23.03
C SER B 108 -5.82 -19.01 23.64
N ILE B 109 -6.23 -18.06 22.80
CA ILE B 109 -5.97 -16.64 22.97
C ILE B 109 -6.05 -16.22 24.43
N ASN B 110 -4.96 -15.64 24.94
CA ASN B 110 -4.76 -15.33 26.35
C ASN B 110 -3.57 -14.40 26.48
N GLN B 111 -3.11 -14.22 27.72
CA GLN B 111 -1.93 -13.38 27.95
C GLN B 111 -0.68 -14.21 28.14
N LEU B 112 -0.81 -15.54 28.14
CA LEU B 112 0.27 -16.47 28.48
C LEU B 112 1.61 -16.13 27.87
N VAL B 113 2.67 -16.16 28.68
CA VAL B 113 4.04 -15.92 28.22
C VAL B 113 4.93 -17.03 28.77
N GLY B 114 6.22 -16.94 28.48
CA GLY B 114 7.18 -17.88 29.03
C GLY B 114 7.56 -19.01 28.10
N GLU B 115 7.99 -20.13 28.66
CA GLU B 115 8.48 -21.25 27.89
C GLU B 115 7.38 -22.28 27.67
N ILE B 116 7.74 -23.40 27.06
CA ILE B 116 6.89 -24.57 26.94
C ILE B 116 7.56 -25.71 27.68
N PRO B 117 7.12 -26.01 28.90
CA PRO B 117 7.83 -26.97 29.75
C PRO B 117 7.89 -28.35 29.10
N PRO B 118 9.04 -29.02 29.21
CA PRO B 118 9.19 -30.35 28.57
C PRO B 118 8.24 -31.40 29.10
N GLU B 119 7.81 -31.29 30.35
CA GLU B 119 7.08 -32.39 31.00
C GLU B 119 5.74 -32.67 30.35
N LEU B 120 5.24 -31.79 29.48
CA LEU B 120 4.06 -32.06 28.69
C LEU B 120 4.21 -33.34 27.86
N GLY B 121 5.45 -33.83 27.73
CA GLY B 121 5.67 -35.10 27.07
C GLY B 121 5.03 -36.28 27.76
N ASP B 122 4.70 -36.15 29.05
CA ASP B 122 4.06 -37.25 29.77
C ASP B 122 2.60 -37.46 29.38
N LEU B 123 2.01 -36.56 28.60
CA LEU B 123 0.61 -36.64 28.22
C LEU B 123 0.45 -37.73 27.17
N SER B 124 0.45 -38.98 27.64
CA SER B 124 0.43 -40.12 26.73
C SER B 124 -0.86 -40.20 25.92
N ASN B 125 -1.97 -39.71 26.45
CA ASN B 125 -3.26 -39.83 25.80
C ASN B 125 -3.72 -38.54 25.12
N LEU B 126 -2.86 -37.53 25.07
CA LEU B 126 -3.23 -36.26 24.43
C LEU B 126 -3.53 -36.48 22.96
N ASP B 127 -4.56 -35.78 22.47
CA ASP B 127 -4.99 -35.91 21.08
C ASP B 127 -4.87 -34.61 20.30
N THR B 128 -5.36 -33.50 20.84
CA THR B 128 -5.28 -32.21 20.18
C THR B 128 -4.62 -31.21 21.11
N LEU B 129 -3.62 -30.49 20.57
CA LEU B 129 -2.84 -29.54 21.36
C LEU B 129 -2.91 -28.17 20.68
N HIS B 130 -3.52 -27.21 21.38
CA HIS B 130 -3.64 -25.84 20.87
C HIS B 130 -2.99 -24.88 21.85
N LEU B 131 -2.00 -24.12 21.37
CA LEU B 131 -1.35 -23.06 22.11
C LEU B 131 -1.24 -21.81 21.24
N VAL B 132 -2.32 -21.46 20.61
CA VAL B 132 -2.36 -20.46 19.56
C VAL B 132 -2.57 -19.08 20.18
N GLU B 133 -2.01 -18.05 19.53
CA GLU B 133 -2.26 -16.65 19.87
C GLU B 133 -1.84 -16.34 21.32
N ASN B 134 -0.54 -16.46 21.57
CA ASN B 134 0.02 -16.16 22.88
C ASN B 134 1.36 -15.47 22.66
N LYS B 135 2.15 -15.36 23.72
CA LYS B 135 3.49 -14.78 23.63
C LYS B 135 4.55 -15.77 24.11
N LEU B 136 4.29 -17.06 23.90
CA LEU B 136 5.27 -18.08 24.24
C LEU B 136 6.56 -17.85 23.48
N ASN B 137 7.69 -18.14 24.13
CA ASN B 137 8.99 -17.99 23.49
C ASN B 137 9.84 -19.20 23.88
N GLY B 138 11.14 -19.12 23.59
CA GLY B 138 12.03 -20.24 23.83
C GLY B 138 12.14 -21.12 22.60
N SER B 139 12.06 -22.43 22.81
CA SER B 139 12.14 -23.39 21.72
C SER B 139 11.02 -24.42 21.89
N ILE B 140 11.01 -25.40 21.00
CA ILE B 140 10.05 -26.51 21.05
C ILE B 140 10.79 -27.74 21.57
N PRO B 141 10.45 -28.26 22.74
CA PRO B 141 11.19 -29.41 23.27
C PRO B 141 11.03 -30.64 22.39
N SER B 142 12.09 -31.45 22.35
CA SER B 142 12.05 -32.68 21.57
C SER B 142 11.13 -33.72 22.18
N GLU B 143 10.80 -33.58 23.47
CA GLU B 143 9.96 -34.55 24.15
C GLU B 143 8.56 -34.62 23.55
N ILE B 144 8.17 -33.61 22.76
CA ILE B 144 6.93 -33.66 22.02
C ILE B 144 6.83 -34.96 21.22
N GLY B 145 7.98 -35.46 20.75
CA GLY B 145 7.98 -36.68 19.97
C GLY B 145 7.44 -37.90 20.70
N ARG B 146 7.30 -37.83 22.02
CA ARG B 146 6.77 -38.96 22.78
C ARG B 146 5.24 -39.04 22.75
N LEU B 147 4.56 -38.00 22.27
CA LEU B 147 3.10 -38.02 22.16
C LEU B 147 2.72 -38.83 20.93
N THR B 148 2.72 -40.15 21.08
CA THR B 148 2.49 -41.03 19.93
C THR B 148 1.05 -41.10 19.49
N LYS B 149 0.11 -40.30 20.01
CA LYS B 149 -1.28 -40.38 19.57
C LYS B 149 -1.87 -39.01 19.24
N VAL B 150 -1.09 -37.93 19.31
CA VAL B 150 -1.60 -36.63 18.93
C VAL B 150 -1.95 -36.65 17.45
N THR B 151 -2.95 -35.84 17.07
CA THR B 151 -3.37 -35.73 15.68
C THR B 151 -3.56 -34.29 15.22
N GLU B 152 -3.20 -33.31 16.04
CA GLU B 152 -3.33 -31.91 15.64
C GLU B 152 -2.45 -31.05 16.53
N ILE B 153 -1.52 -30.33 15.92
CA ILE B 153 -0.62 -29.41 16.63
C ILE B 153 -0.84 -28.02 16.08
N ALA B 154 -1.20 -27.08 16.95
CA ALA B 154 -1.38 -25.69 16.55
C ALA B 154 -0.67 -24.78 17.55
N ILE B 155 0.48 -24.23 17.14
CA ILE B 155 1.25 -23.37 18.03
C ILE B 155 1.59 -22.06 17.30
N TYR B 156 0.79 -21.70 16.30
CA TYR B 156 1.19 -20.57 15.48
C TYR B 156 0.95 -19.24 16.18
N ASP B 157 1.55 -18.19 15.61
CA ASP B 157 1.45 -16.82 16.10
C ASP B 157 1.95 -16.67 17.53
N ASN B 158 3.05 -17.33 17.86
CA ASN B 158 3.76 -17.11 19.12
C ASN B 158 5.15 -16.58 18.79
N LEU B 159 6.00 -16.45 19.81
CA LEU B 159 7.33 -15.90 19.62
C LEU B 159 8.42 -16.98 19.62
N LEU B 160 8.11 -18.17 19.12
CA LEU B 160 9.05 -19.27 19.16
C LEU B 160 10.28 -18.99 18.30
N THR B 161 11.38 -19.66 18.64
CA THR B 161 12.62 -19.61 17.88
C THR B 161 13.24 -21.01 17.88
N GLY B 162 14.41 -21.13 17.25
CA GLY B 162 15.13 -22.38 17.22
C GLY B 162 14.69 -23.31 16.12
N PRO B 163 15.21 -24.53 16.11
CA PRO B 163 14.95 -25.47 15.03
C PRO B 163 13.69 -26.30 15.26
N ILE B 164 13.29 -26.98 14.20
CA ILE B 164 12.24 -28.01 14.31
C ILE B 164 12.87 -29.28 14.86
N PRO B 165 12.34 -29.84 15.94
CA PRO B 165 12.90 -31.10 16.46
C PRO B 165 12.75 -32.24 15.47
N SER B 166 13.75 -33.11 15.45
CA SER B 166 13.72 -34.27 14.58
C SER B 166 12.80 -35.37 15.09
N SER B 167 12.49 -35.38 16.39
CA SER B 167 11.61 -36.39 16.96
C SER B 167 10.20 -36.32 16.38
N PHE B 168 9.85 -35.22 15.70
CA PHE B 168 8.61 -35.15 14.96
C PHE B 168 8.45 -36.29 13.97
N GLY B 169 9.56 -36.94 13.59
CA GLY B 169 9.47 -38.10 12.73
C GLY B 169 8.67 -39.24 13.31
N ASN B 170 8.52 -39.28 14.64
CA ASN B 170 7.78 -40.36 15.29
C ASN B 170 6.36 -39.95 15.67
N LEU B 171 5.93 -38.74 15.32
CA LEU B 171 4.53 -38.38 15.54
C LEU B 171 3.66 -39.07 14.50
N THR B 172 3.61 -40.40 14.55
CA THR B 172 3.10 -41.22 13.46
C THR B 172 1.61 -41.11 13.25
N LYS B 173 0.88 -40.21 13.92
CA LYS B 173 -0.54 -40.06 13.63
C LYS B 173 -0.94 -38.60 13.46
N LEU B 174 0.00 -37.72 13.15
CA LEU B 174 -0.34 -36.34 12.87
C LEU B 174 -1.24 -36.23 11.66
N VAL B 175 -2.06 -35.19 11.65
CA VAL B 175 -2.87 -34.85 10.49
C VAL B 175 -2.64 -33.39 10.12
N ASN B 176 -2.78 -32.50 11.09
CA ASN B 176 -2.66 -31.06 10.87
C ASN B 176 -1.52 -30.51 11.71
N LEU B 177 -0.57 -29.83 11.05
CA LEU B 177 0.58 -29.24 11.72
C LEU B 177 0.69 -27.78 11.29
N TYR B 178 0.30 -26.86 12.18
CA TYR B 178 0.29 -25.43 11.87
C TYR B 178 1.38 -24.72 12.67
N LEU B 179 2.42 -24.25 11.99
CA LEU B 179 3.52 -23.53 12.70
C LEU B 179 3.75 -22.15 12.08
N PHE B 180 2.72 -21.58 11.45
CA PHE B 180 2.86 -20.27 10.74
C PHE B 180 2.98 -19.08 11.70
N ILE B 181 3.55 -17.97 11.22
CA ILE B 181 3.62 -16.71 12.02
C ILE B 181 4.42 -16.92 13.32
N ASN B 182 5.45 -17.76 13.28
CA ASN B 182 6.36 -17.90 14.45
C ASN B 182 7.76 -17.56 13.96
N SER B 183 8.75 -17.45 14.84
CA SER B 183 10.10 -17.20 14.29
C SER B 183 10.98 -18.45 14.32
N LEU B 184 10.58 -19.55 13.68
CA LEU B 184 11.44 -20.72 13.64
C LEU B 184 12.69 -20.44 12.80
N SER B 185 13.60 -21.41 12.77
CA SER B 185 14.83 -21.27 12.00
C SER B 185 15.45 -22.64 11.81
N GLY B 186 16.46 -22.70 10.94
CA GLY B 186 17.16 -23.94 10.69
C GLY B 186 16.84 -24.57 9.34
N SER B 187 16.65 -25.89 9.33
CA SER B 187 16.31 -26.62 8.13
C SER B 187 15.21 -27.64 8.43
N ILE B 188 14.44 -27.98 7.41
CA ILE B 188 13.37 -28.96 7.56
C ILE B 188 14.00 -30.34 7.75
N PRO B 189 13.69 -31.04 8.84
CA PRO B 189 14.18 -32.41 8.98
C PRO B 189 13.60 -33.32 7.90
N SER B 190 14.43 -34.26 7.44
CA SER B 190 13.99 -35.16 6.37
C SER B 190 12.91 -36.12 6.85
N GLU B 191 12.91 -36.47 8.14
CA GLU B 191 11.94 -37.43 8.65
C GLU B 191 10.52 -36.89 8.61
N ILE B 192 10.36 -35.57 8.49
CA ILE B 192 9.02 -35.00 8.29
C ILE B 192 8.39 -35.58 7.02
N GLY B 193 9.21 -35.93 6.04
CA GLY B 193 8.68 -36.55 4.84
C GLY B 193 8.21 -37.97 5.00
N ASN B 194 8.36 -38.56 6.18
CA ASN B 194 7.97 -39.96 6.40
C ASN B 194 6.70 -40.10 7.22
N LEU B 195 5.92 -39.03 7.34
CA LEU B 195 4.64 -39.08 8.04
C LEU B 195 3.58 -39.70 7.13
N PRO B 196 2.94 -40.79 7.51
CA PRO B 196 1.98 -41.45 6.62
C PRO B 196 0.57 -40.89 6.67
N ASN B 197 0.32 -39.78 7.38
CA ASN B 197 -1.04 -39.29 7.52
C ASN B 197 -1.19 -37.77 7.47
N LEU B 198 -0.15 -37.02 7.16
CA LEU B 198 -0.31 -35.57 7.02
C LEU B 198 -1.29 -35.23 5.92
N ARG B 199 -2.16 -34.26 6.20
CA ARG B 199 -3.00 -33.67 5.17
C ARG B 199 -2.90 -32.15 5.12
N GLU B 200 -2.38 -31.50 6.15
CA GLU B 200 -2.16 -30.06 6.12
C GLU B 200 -0.90 -29.73 6.90
N LEU B 201 0.05 -29.08 6.23
CA LEU B 201 1.35 -28.74 6.80
C LEU B 201 1.64 -27.29 6.46
N CYS B 202 1.71 -26.43 7.48
CA CYS B 202 1.94 -25.01 7.26
C CYS B 202 3.22 -24.60 7.98
N LEU B 203 4.23 -24.18 7.21
CA LEU B 203 5.49 -23.66 7.75
C LEU B 203 5.80 -22.26 7.28
N ASP B 204 4.84 -21.57 6.68
CA ASP B 204 5.06 -20.24 6.13
C ASP B 204 5.39 -19.22 7.22
N ARG B 205 6.03 -18.13 6.78
CA ARG B 205 6.32 -16.96 7.62
C ARG B 205 7.23 -17.33 8.80
N ASN B 206 8.45 -17.75 8.46
CA ASN B 206 9.45 -18.19 9.42
C ASN B 206 10.81 -17.65 8.97
N ASN B 207 11.89 -18.15 9.59
CA ASN B 207 13.20 -18.15 8.96
C ASN B 207 13.79 -19.54 8.72
N LEU B 208 13.03 -20.46 8.16
CA LEU B 208 13.65 -21.70 7.71
C LEU B 208 14.63 -21.40 6.57
N THR B 209 15.68 -22.22 6.48
CA THR B 209 16.68 -22.07 5.43
C THR B 209 17.04 -23.44 4.89
N GLY B 210 17.96 -23.46 3.92
CA GLY B 210 18.41 -24.71 3.34
C GLY B 210 17.62 -25.11 2.11
N LYS B 211 17.50 -26.41 1.87
CA LYS B 211 16.84 -26.94 0.70
C LYS B 211 15.65 -27.79 1.11
N ILE B 212 14.67 -27.89 0.23
CA ILE B 212 13.52 -28.76 0.48
C ILE B 212 13.97 -30.21 0.47
N PRO B 213 13.67 -31.00 1.50
CA PRO B 213 14.04 -32.41 1.49
C PRO B 213 13.31 -33.16 0.39
N SER B 214 14.08 -33.86 -0.46
CA SER B 214 13.49 -34.63 -1.53
C SER B 214 12.55 -35.71 -1.03
N SER B 215 12.71 -36.14 0.22
CA SER B 215 11.82 -37.13 0.83
C SER B 215 10.36 -36.70 0.80
N PHE B 216 10.08 -35.42 0.48
CA PHE B 216 8.72 -34.95 0.27
C PHE B 216 8.01 -35.70 -0.85
N GLY B 217 8.73 -36.51 -1.63
CA GLY B 217 8.06 -37.39 -2.56
C GLY B 217 7.22 -38.47 -1.91
N ASN B 218 7.36 -38.66 -0.61
CA ASN B 218 6.66 -39.71 0.12
C ASN B 218 5.32 -39.26 0.70
N LEU B 219 4.97 -37.98 0.58
CA LEU B 219 3.72 -37.46 1.11
C LEU B 219 2.61 -37.71 0.09
N LYS B 220 1.94 -38.85 0.23
CA LYS B 220 1.01 -39.33 -0.80
C LYS B 220 -0.42 -38.89 -0.55
N ASN B 221 -0.70 -38.14 0.51
CA ASN B 221 -2.07 -37.71 0.78
C ASN B 221 -2.17 -36.27 1.27
N VAL B 222 -1.09 -35.50 1.17
CA VAL B 222 -1.16 -34.08 1.52
C VAL B 222 -2.04 -33.35 0.52
N THR B 223 -2.92 -32.49 1.02
CA THR B 223 -3.78 -31.67 0.16
C THR B 223 -3.43 -30.20 0.20
N LEU B 224 -2.52 -29.77 1.06
CA LEU B 224 -2.15 -28.36 1.13
C LEU B 224 -0.73 -28.24 1.65
N LEU B 225 0.04 -27.31 1.08
CA LEU B 225 1.44 -27.13 1.43
C LEU B 225 1.79 -25.65 1.31
N ASN B 226 1.92 -24.98 2.43
CA ASN B 226 2.31 -23.57 2.48
C ASN B 226 3.71 -23.44 3.06
N MET B 227 4.59 -22.76 2.34
CA MET B 227 5.90 -22.39 2.88
C MET B 227 6.33 -20.99 2.47
N PHE B 228 5.41 -20.12 2.08
CA PHE B 228 5.81 -18.84 1.54
C PHE B 228 6.44 -17.98 2.63
N GLU B 229 7.21 -16.99 2.19
CA GLU B 229 7.87 -16.02 3.07
C GLU B 229 8.80 -16.74 4.06
N ASN B 230 9.82 -17.35 3.48
CA ASN B 230 10.88 -18.03 4.21
C ASN B 230 12.19 -17.67 3.53
N GLN B 231 13.26 -18.39 3.84
CA GLN B 231 14.54 -18.18 3.19
C GLN B 231 15.10 -19.49 2.68
N LEU B 232 14.24 -20.28 2.04
CA LEU B 232 14.67 -21.49 1.38
C LEU B 232 15.62 -21.14 0.23
N SER B 233 16.28 -22.15 -0.30
CA SER B 233 17.22 -21.97 -1.39
C SER B 233 17.37 -23.30 -2.11
N GLY B 234 18.30 -23.36 -3.07
CA GLY B 234 18.49 -24.56 -3.84
C GLY B 234 17.58 -24.65 -5.05
N GLU B 235 17.07 -25.85 -5.32
CA GLU B 235 16.20 -26.09 -6.46
C GLU B 235 15.01 -26.93 -6.01
N ILE B 236 13.87 -26.71 -6.67
CA ILE B 236 12.66 -27.48 -6.39
C ILE B 236 12.91 -28.93 -6.79
N PRO B 237 12.98 -29.86 -5.83
CA PRO B 237 13.25 -31.25 -6.17
C PRO B 237 12.19 -31.83 -7.09
N PRO B 238 12.59 -32.62 -8.10
CA PRO B 238 11.59 -33.23 -8.98
C PRO B 238 10.61 -34.13 -8.27
N GLU B 239 11.01 -34.73 -7.14
CA GLU B 239 10.12 -35.61 -6.40
C GLU B 239 8.88 -34.90 -5.90
N ILE B 240 8.87 -33.57 -5.85
CA ILE B 240 7.68 -32.80 -5.54
C ILE B 240 6.54 -33.12 -6.50
N GLY B 241 6.83 -33.80 -7.61
CA GLY B 241 5.78 -34.22 -8.50
C GLY B 241 5.01 -35.47 -8.08
N ASN B 242 5.46 -36.17 -7.04
CA ASN B 242 4.70 -37.30 -6.50
C ASN B 242 3.74 -36.95 -5.37
N MET B 243 3.65 -35.70 -4.93
CA MET B 243 2.53 -35.32 -4.08
C MET B 243 1.30 -35.22 -4.99
N THR B 244 0.66 -36.37 -5.20
CA THR B 244 -0.34 -36.53 -6.24
C THR B 244 -1.75 -36.17 -5.75
N ALA B 245 -1.88 -35.78 -4.49
CA ALA B 245 -3.16 -35.32 -3.95
C ALA B 245 -3.17 -33.83 -3.65
N LEU B 246 -2.13 -33.11 -4.01
CA LEU B 246 -2.10 -31.67 -3.78
C LEU B 246 -3.22 -30.97 -4.55
N ASP B 247 -3.64 -29.83 -4.01
CA ASP B 247 -4.41 -28.87 -4.80
C ASP B 247 -4.01 -27.43 -4.54
N THR B 248 -2.98 -27.17 -3.74
CA THR B 248 -2.54 -25.81 -3.47
C THR B 248 -1.09 -25.88 -3.01
N LEU B 249 -0.16 -25.53 -3.89
CA LEU B 249 1.26 -25.45 -3.57
C LEU B 249 1.69 -24.00 -3.71
N SER B 250 2.17 -23.40 -2.63
CA SER B 250 2.63 -22.02 -2.65
C SER B 250 4.01 -21.92 -2.03
N LEU B 251 4.95 -21.32 -2.75
CA LEU B 251 6.32 -21.18 -2.30
C LEU B 251 6.89 -19.82 -2.62
N HIS B 252 6.05 -18.79 -2.64
CA HIS B 252 6.51 -17.48 -3.09
C HIS B 252 7.34 -16.79 -2.01
N THR B 253 8.03 -15.73 -2.43
CA THR B 253 8.89 -14.92 -1.56
C THR B 253 9.90 -15.79 -0.82
N ASN B 254 10.80 -16.36 -1.61
CA ASN B 254 11.86 -17.24 -1.12
C ASN B 254 13.13 -16.89 -1.88
N LYS B 255 14.12 -17.77 -1.81
CA LYS B 255 15.39 -17.59 -2.53
C LYS B 255 15.74 -18.86 -3.30
N LEU B 256 14.75 -19.41 -4.00
CA LEU B 256 14.95 -20.60 -4.79
C LEU B 256 15.58 -20.25 -6.14
N THR B 257 16.15 -21.27 -6.79
CA THR B 257 16.82 -21.08 -8.07
C THR B 257 16.54 -22.29 -8.95
N GLY B 258 17.15 -22.29 -10.14
CA GLY B 258 17.03 -23.40 -11.04
C GLY B 258 15.81 -23.33 -11.93
N PRO B 259 15.51 -24.41 -12.65
CA PRO B 259 14.31 -24.44 -13.49
C PRO B 259 13.10 -25.01 -12.79
N ILE B 260 11.91 -24.69 -13.28
CA ILE B 260 10.69 -25.36 -12.79
C ILE B 260 10.69 -26.81 -13.27
N PRO B 261 10.55 -27.78 -12.38
CA PRO B 261 10.58 -29.18 -12.83
C PRO B 261 9.31 -29.55 -13.60
N SER B 262 9.50 -30.29 -14.69
CA SER B 262 8.38 -30.69 -15.54
C SER B 262 7.40 -31.60 -14.81
N THR B 263 7.83 -32.30 -13.76
CA THR B 263 6.99 -33.30 -13.13
C THR B 263 5.72 -32.73 -12.51
N LEU B 264 5.66 -31.40 -12.30
CA LEU B 264 4.41 -30.77 -11.87
C LEU B 264 3.25 -31.04 -12.82
N GLY B 265 3.51 -31.53 -14.03
CA GLY B 265 2.42 -31.91 -14.90
C GLY B 265 1.74 -33.21 -14.53
N ASN B 266 2.28 -33.95 -13.57
CA ASN B 266 1.72 -35.23 -13.17
C ASN B 266 0.68 -35.12 -12.06
N ILE B 267 0.49 -33.93 -11.47
CA ILE B 267 -0.47 -33.74 -10.41
C ILE B 267 -1.78 -33.32 -11.06
N LYS B 268 -2.74 -34.24 -11.14
CA LYS B 268 -4.01 -33.93 -11.79
C LYS B 268 -4.84 -32.96 -10.97
N THR B 269 -4.76 -33.05 -9.64
CA THR B 269 -5.66 -32.30 -8.76
C THR B 269 -5.18 -30.90 -8.42
N LEU B 270 -3.97 -30.52 -8.84
CA LEU B 270 -3.45 -29.20 -8.49
C LEU B 270 -4.35 -28.11 -9.05
N ALA B 271 -4.73 -27.15 -8.21
CA ALA B 271 -5.62 -26.07 -8.60
C ALA B 271 -5.06 -24.69 -8.36
N VAL B 272 -4.08 -24.54 -7.46
CA VAL B 272 -3.42 -23.27 -7.21
C VAL B 272 -1.92 -23.52 -7.19
N LEU B 273 -1.16 -22.60 -7.78
CA LEU B 273 0.29 -22.73 -7.86
C LEU B 273 0.89 -21.34 -7.78
N HIS B 274 1.49 -21.01 -6.64
CA HIS B 274 2.10 -19.70 -6.42
C HIS B 274 3.61 -19.87 -6.36
N LEU B 275 4.32 -19.18 -7.25
CA LEU B 275 5.79 -19.26 -7.27
C LEU B 275 6.43 -17.91 -7.56
N TYR B 276 5.72 -16.80 -7.37
CA TYR B 276 6.29 -15.51 -7.73
C TYR B 276 7.34 -15.07 -6.72
N LEU B 277 8.11 -14.06 -7.10
CA LEU B 277 9.15 -13.47 -6.26
C LEU B 277 10.17 -14.51 -5.81
N ASN B 278 10.84 -15.08 -6.80
CA ASN B 278 11.90 -16.07 -6.58
C ASN B 278 12.99 -15.76 -7.60
N GLN B 279 13.91 -16.70 -7.80
CA GLN B 279 14.96 -16.56 -8.80
C GLN B 279 15.04 -17.80 -9.68
N LEU B 280 13.88 -18.29 -10.11
CA LEU B 280 13.83 -19.37 -11.08
C LEU B 280 14.28 -18.86 -12.45
N ASN B 281 14.79 -19.79 -13.26
CA ASN B 281 15.26 -19.43 -14.60
C ASN B 281 15.08 -20.62 -15.53
N GLY B 282 15.23 -20.37 -16.83
CA GLY B 282 15.08 -21.39 -17.85
C GLY B 282 13.90 -21.09 -18.76
N SER B 283 13.17 -22.15 -19.11
CA SER B 283 12.01 -22.04 -19.98
C SER B 283 10.83 -22.77 -19.34
N ILE B 284 9.62 -22.37 -19.74
CA ILE B 284 8.40 -23.02 -19.27
C ILE B 284 8.38 -24.44 -19.79
N PRO B 285 8.25 -25.45 -18.94
CA PRO B 285 8.08 -26.83 -19.43
C PRO B 285 6.74 -26.98 -20.13
N PRO B 286 6.73 -27.57 -21.33
CA PRO B 286 5.44 -27.82 -22.01
C PRO B 286 4.49 -28.67 -21.19
N GLU B 287 5.01 -29.55 -20.34
CA GLU B 287 4.17 -30.43 -19.54
C GLU B 287 3.26 -29.66 -18.59
N LEU B 288 3.55 -28.38 -18.33
CA LEU B 288 2.69 -27.56 -17.49
C LEU B 288 1.32 -27.40 -18.13
N GLY B 289 1.17 -27.81 -19.38
CA GLY B 289 -0.12 -27.82 -20.02
C GLY B 289 -0.98 -29.02 -19.72
N GLU B 290 -0.50 -29.96 -18.91
CA GLU B 290 -1.24 -31.20 -18.64
C GLU B 290 -1.86 -31.21 -17.24
N MET B 291 -2.25 -30.04 -16.73
CA MET B 291 -2.90 -29.92 -15.43
C MET B 291 -4.36 -29.50 -15.68
N GLU B 292 -5.23 -30.49 -15.87
CA GLU B 292 -6.57 -30.21 -16.38
C GLU B 292 -7.49 -29.57 -15.34
N SER B 293 -7.10 -29.50 -14.07
CA SER B 293 -7.92 -28.91 -13.03
C SER B 293 -7.24 -27.67 -12.44
N MET B 294 -6.66 -26.84 -13.30
CA MET B 294 -5.86 -25.71 -12.87
C MET B 294 -6.69 -24.43 -13.01
N ILE B 295 -6.76 -23.66 -11.93
CA ILE B 295 -7.60 -22.47 -11.86
C ILE B 295 -6.77 -21.20 -11.73
N ASP B 296 -5.70 -21.23 -10.95
CA ASP B 296 -4.87 -20.07 -10.69
C ASP B 296 -3.41 -20.45 -10.94
N LEU B 297 -2.65 -19.55 -11.55
CA LEU B 297 -1.26 -19.83 -11.92
C LEU B 297 -0.49 -18.52 -11.94
N GLU B 298 0.48 -18.38 -11.04
CA GLU B 298 1.17 -17.11 -10.83
C GLU B 298 2.67 -17.35 -10.76
N ILE B 299 3.39 -16.93 -11.80
CA ILE B 299 4.84 -17.11 -11.90
C ILE B 299 5.51 -15.77 -12.13
N SER B 300 4.91 -14.71 -11.60
CA SER B 300 5.43 -13.37 -11.82
C SER B 300 6.81 -13.19 -11.18
N GLU B 301 7.51 -12.14 -11.61
CA GLU B 301 8.69 -11.62 -10.93
C GLU B 301 9.75 -12.70 -10.71
N ASN B 302 10.32 -13.14 -11.82
CA ASN B 302 11.30 -14.22 -11.83
C ASN B 302 12.32 -13.92 -12.92
N LYS B 303 13.10 -14.92 -13.31
CA LYS B 303 14.15 -14.78 -14.31
C LYS B 303 14.02 -15.84 -15.39
N LEU B 304 12.80 -16.05 -15.88
CA LEU B 304 12.55 -17.03 -16.91
C LEU B 304 12.74 -16.43 -18.29
N THR B 305 13.04 -17.30 -19.26
CA THR B 305 13.31 -16.88 -20.63
C THR B 305 12.63 -17.82 -21.60
N GLY B 306 12.70 -17.48 -22.88
CA GLY B 306 12.23 -18.34 -23.94
C GLY B 306 10.82 -18.03 -24.40
N PRO B 307 10.21 -18.96 -25.15
CA PRO B 307 8.84 -18.76 -25.62
C PRO B 307 7.80 -19.36 -24.69
N VAL B 308 6.58 -18.83 -24.72
CA VAL B 308 5.46 -19.44 -24.00
C VAL B 308 4.96 -20.64 -24.81
N PRO B 309 4.83 -21.81 -24.21
CA PRO B 309 4.39 -22.99 -24.97
C PRO B 309 2.96 -22.84 -25.46
N ASP B 310 2.63 -23.60 -26.50
CA ASP B 310 1.26 -23.67 -26.99
C ASP B 310 0.38 -24.53 -26.11
N SER B 311 0.97 -25.39 -25.29
CA SER B 311 0.20 -26.36 -24.52
C SER B 311 -0.77 -25.71 -23.54
N PHE B 312 -0.56 -24.43 -23.20
CA PHE B 312 -1.55 -23.72 -22.39
C PHE B 312 -2.94 -23.69 -23.03
N GLY B 313 -3.08 -24.16 -24.26
CA GLY B 313 -4.40 -24.28 -24.84
C GLY B 313 -5.25 -25.35 -24.17
N LYS B 314 -4.61 -26.30 -23.50
CA LYS B 314 -5.36 -27.38 -22.87
C LYS B 314 -5.90 -27.01 -21.49
N LEU B 315 -5.49 -25.88 -20.93
CA LEU B 315 -5.98 -25.44 -19.62
C LEU B 315 -7.35 -24.78 -19.81
N THR B 316 -8.40 -25.59 -19.67
CA THR B 316 -9.74 -25.10 -19.95
C THR B 316 -10.31 -24.24 -18.83
N ALA B 317 -9.88 -24.45 -17.59
CA ALA B 317 -10.52 -23.83 -16.43
C ALA B 317 -9.75 -22.62 -15.91
N LEU B 318 -8.76 -22.11 -16.64
CA LEU B 318 -7.97 -20.99 -16.15
C LEU B 318 -8.84 -19.78 -15.88
N GLU B 319 -8.55 -19.08 -14.78
CA GLU B 319 -9.25 -17.85 -14.44
C GLU B 319 -8.26 -16.73 -14.18
N TRP B 320 -7.13 -17.07 -13.59
CA TRP B 320 -6.04 -16.13 -13.35
C TRP B 320 -4.79 -16.65 -14.02
N LEU B 321 -4.05 -15.75 -14.67
CA LEU B 321 -2.79 -16.12 -15.33
C LEU B 321 -1.82 -14.95 -15.17
N PHE B 322 -0.76 -15.15 -14.40
CA PHE B 322 0.23 -14.12 -14.09
C PHE B 322 1.56 -14.53 -14.69
N LEU B 323 1.98 -13.85 -15.75
CA LEU B 323 3.29 -14.07 -16.36
C LEU B 323 4.15 -12.82 -16.38
N ARG B 324 3.77 -11.79 -15.63
CA ARG B 324 4.42 -10.50 -15.74
C ARG B 324 5.81 -10.52 -15.10
N ASP B 325 6.63 -9.54 -15.52
CA ASP B 325 7.96 -9.30 -14.95
C ASP B 325 8.85 -10.54 -15.07
N ASN B 326 9.12 -10.89 -16.32
CA ASN B 326 9.99 -12.01 -16.66
C ASN B 326 10.83 -11.59 -17.86
N GLN B 327 11.45 -12.55 -18.52
CA GLN B 327 12.20 -12.30 -19.76
C GLN B 327 11.76 -13.29 -20.84
N LEU B 328 10.46 -13.50 -20.95
CA LEU B 328 9.91 -14.30 -22.03
C LEU B 328 9.90 -13.49 -23.32
N SER B 329 10.00 -14.18 -24.44
CA SER B 329 10.11 -13.50 -25.73
C SER B 329 9.51 -14.38 -26.82
N GLY B 330 9.31 -13.77 -27.99
CA GLY B 330 8.76 -14.44 -29.14
C GLY B 330 7.36 -13.96 -29.48
N PRO B 331 6.60 -14.78 -30.20
CA PRO B 331 5.18 -14.45 -30.41
C PRO B 331 4.30 -15.03 -29.32
N ILE B 332 3.00 -14.76 -29.39
CA ILE B 332 2.03 -15.23 -28.41
C ILE B 332 1.15 -16.27 -29.08
N PRO B 333 1.01 -17.47 -28.52
CA PRO B 333 0.20 -18.51 -29.16
C PRO B 333 -1.28 -18.22 -29.00
N PRO B 334 -2.12 -18.76 -29.89
CA PRO B 334 -3.58 -18.61 -29.70
C PRO B 334 -4.09 -19.33 -28.47
N GLY B 335 -3.37 -20.31 -27.95
CA GLY B 335 -3.85 -21.08 -26.82
C GLY B 335 -3.70 -20.42 -25.48
N ILE B 336 -3.07 -19.25 -25.41
CA ILE B 336 -2.88 -18.59 -24.12
C ILE B 336 -4.21 -18.08 -23.57
N ALA B 337 -5.12 -17.61 -24.42
CA ALA B 337 -6.42 -17.11 -23.99
C ALA B 337 -7.56 -17.98 -24.46
N ASN B 338 -7.31 -19.26 -24.75
CA ASN B 338 -8.34 -20.14 -25.31
C ASN B 338 -9.51 -20.29 -24.35
N SER B 339 -9.22 -20.39 -23.06
CA SER B 339 -10.25 -20.75 -22.07
C SER B 339 -11.39 -19.73 -22.07
N THR B 340 -12.62 -20.24 -21.91
CA THR B 340 -13.80 -19.39 -21.95
C THR B 340 -13.84 -18.43 -20.76
N GLU B 341 -13.60 -18.94 -19.56
CA GLU B 341 -13.84 -18.18 -18.34
C GLU B 341 -12.60 -17.50 -17.79
N LEU B 342 -11.60 -17.23 -18.63
CA LEU B 342 -10.47 -16.41 -18.21
C LEU B 342 -10.98 -15.04 -17.75
N THR B 343 -10.37 -14.52 -16.70
CA THR B 343 -10.81 -13.25 -16.12
C THR B 343 -9.69 -12.26 -15.87
N VAL B 344 -8.44 -12.71 -15.72
CA VAL B 344 -7.30 -11.82 -15.56
C VAL B 344 -6.16 -12.34 -16.44
N LEU B 345 -5.52 -11.43 -17.17
CA LEU B 345 -4.36 -11.78 -18.00
C LEU B 345 -3.31 -10.69 -17.80
N GLN B 346 -2.15 -11.09 -17.29
CA GLN B 346 -1.09 -10.15 -16.90
C GLN B 346 0.20 -10.56 -17.61
N LEU B 347 0.51 -9.87 -18.70
CA LEU B 347 1.61 -10.25 -19.58
C LEU B 347 2.66 -9.16 -19.76
N ASP B 348 2.67 -8.14 -18.89
CA ASP B 348 3.52 -7.00 -19.17
C ASP B 348 4.93 -7.19 -18.64
N THR B 349 5.81 -6.25 -19.00
CA THR B 349 7.22 -6.26 -18.63
C THR B 349 7.91 -7.54 -19.10
N ASN B 350 7.65 -7.93 -20.34
CA ASN B 350 8.32 -9.04 -21.00
C ASN B 350 8.81 -8.58 -22.36
N ASN B 351 9.24 -9.53 -23.18
CA ASN B 351 9.74 -9.21 -24.52
C ASN B 351 8.95 -9.90 -25.62
N PHE B 352 7.62 -9.90 -25.53
CA PHE B 352 6.83 -10.51 -26.59
C PHE B 352 6.78 -9.59 -27.81
N THR B 353 6.49 -10.19 -28.96
CA THR B 353 6.33 -9.47 -30.22
C THR B 353 5.19 -10.10 -31.01
N GLY B 354 4.81 -9.44 -32.09
CA GLY B 354 3.85 -10.01 -33.02
C GLY B 354 2.46 -9.41 -32.97
N PHE B 355 1.45 -10.24 -33.21
CA PHE B 355 0.05 -9.84 -33.18
C PHE B 355 -0.66 -10.55 -32.05
N LEU B 356 -1.63 -9.86 -31.45
CA LEU B 356 -2.51 -10.50 -30.48
C LEU B 356 -3.35 -11.57 -31.18
N PRO B 357 -3.62 -12.69 -30.53
CA PRO B 357 -4.43 -13.73 -31.17
C PRO B 357 -5.88 -13.30 -31.34
N ASP B 358 -6.71 -14.16 -31.94
CA ASP B 358 -8.11 -13.85 -32.18
C ASP B 358 -9.03 -14.52 -31.16
N THR B 359 -8.49 -14.86 -29.98
CA THR B 359 -9.27 -15.49 -28.92
C THR B 359 -9.11 -14.73 -27.61
N ILE B 360 -9.00 -13.40 -27.68
CA ILE B 360 -8.63 -12.64 -26.49
C ILE B 360 -9.76 -12.67 -25.45
N CYS B 361 -11.01 -12.52 -25.90
CA CYS B 361 -12.17 -12.49 -25.01
C CYS B 361 -13.24 -13.44 -25.56
N ARG B 362 -12.84 -14.67 -25.88
CA ARG B 362 -13.74 -15.59 -26.57
C ARG B 362 -14.97 -15.88 -25.72
N GLY B 363 -14.77 -16.12 -24.43
CA GLY B 363 -15.89 -16.41 -23.54
C GLY B 363 -16.68 -15.20 -23.07
N GLY B 364 -16.18 -13.99 -23.29
CA GLY B 364 -16.88 -12.80 -22.87
C GLY B 364 -16.95 -12.60 -21.37
N LYS B 365 -15.87 -12.90 -20.65
CA LYS B 365 -15.86 -12.72 -19.20
C LYS B 365 -14.57 -12.09 -18.69
N LEU B 366 -13.70 -11.61 -19.58
CA LEU B 366 -12.44 -11.01 -19.15
C LEU B 366 -12.71 -9.72 -18.38
N GLU B 367 -11.86 -9.43 -17.40
CA GLU B 367 -12.02 -8.20 -16.64
C GLU B 367 -10.77 -7.35 -16.58
N ASN B 368 -9.60 -7.96 -16.46
CA ASN B 368 -8.36 -7.23 -16.26
C ASN B 368 -7.33 -7.71 -17.27
N LEU B 369 -6.59 -6.78 -17.87
CA LEU B 369 -5.69 -7.10 -18.97
C LEU B 369 -4.57 -6.06 -19.01
N THR B 370 -3.33 -6.50 -18.86
CA THR B 370 -2.17 -5.62 -18.93
C THR B 370 -1.19 -6.13 -19.97
N LEU B 371 -0.64 -5.20 -20.76
CA LEU B 371 0.32 -5.53 -21.81
C LEU B 371 1.46 -4.52 -21.90
N ASP B 372 1.77 -3.84 -20.81
CA ASP B 372 2.73 -2.74 -20.84
C ASP B 372 4.13 -3.21 -21.23
N ASP B 373 4.82 -2.38 -22.02
CA ASP B 373 6.24 -2.53 -22.30
C ASP B 373 6.55 -3.87 -22.95
N ASN B 374 6.06 -4.01 -24.18
CA ASN B 374 6.39 -5.14 -25.05
C ASN B 374 6.58 -4.57 -26.45
N HIS B 375 6.59 -5.44 -27.45
CA HIS B 375 6.70 -5.01 -28.83
C HIS B 375 5.58 -5.61 -29.67
N PHE B 376 4.38 -5.66 -29.11
CA PHE B 376 3.20 -6.04 -29.90
C PHE B 376 2.95 -4.98 -30.97
N GLU B 377 2.20 -5.38 -32.00
CA GLU B 377 1.97 -4.48 -33.12
C GLU B 377 0.72 -4.91 -33.88
N GLY B 378 0.21 -3.99 -34.68
CA GLY B 378 -0.93 -4.27 -35.54
C GLY B 378 -2.20 -3.64 -35.01
N PRO B 379 -3.34 -4.18 -35.42
CA PRO B 379 -4.61 -3.71 -34.89
C PRO B 379 -5.06 -4.53 -33.68
N VAL B 380 -5.91 -3.92 -32.87
CA VAL B 380 -6.55 -4.64 -31.77
C VAL B 380 -7.52 -5.65 -32.39
N PRO B 381 -7.71 -6.81 -31.79
CA PRO B 381 -8.68 -7.76 -32.34
C PRO B 381 -10.09 -7.19 -32.33
N LYS B 382 -11.00 -7.91 -32.97
CA LYS B 382 -12.38 -7.47 -32.99
C LYS B 382 -13.21 -8.09 -31.89
N SER B 383 -12.82 -9.27 -31.38
CA SER B 383 -13.49 -9.83 -30.23
C SER B 383 -13.27 -9.00 -28.97
N LEU B 384 -12.25 -8.16 -28.95
CA LEU B 384 -12.00 -7.25 -27.85
C LEU B 384 -12.78 -5.95 -27.98
N ARG B 385 -13.40 -5.71 -29.14
CA ARG B 385 -14.27 -4.54 -29.28
C ARG B 385 -15.61 -4.78 -28.61
N ASP B 386 -16.11 -6.01 -28.64
CA ASP B 386 -17.42 -6.35 -28.10
C ASP B 386 -17.32 -7.08 -26.77
N CYS B 387 -16.17 -7.02 -26.10
CA CYS B 387 -16.00 -7.62 -24.78
C CYS B 387 -16.57 -6.64 -23.76
N LYS B 388 -17.71 -7.01 -23.15
CA LYS B 388 -18.53 -6.10 -22.37
C LYS B 388 -18.39 -6.32 -20.87
N SER B 389 -17.19 -6.62 -20.39
CA SER B 389 -16.98 -6.80 -18.96
C SER B 389 -15.67 -6.18 -18.47
N LEU B 390 -14.95 -5.45 -19.32
CA LEU B 390 -13.65 -4.91 -18.93
C LEU B 390 -13.77 -3.97 -17.75
N ILE B 391 -12.78 -4.01 -16.86
CA ILE B 391 -12.72 -3.10 -15.73
C ILE B 391 -11.44 -2.27 -15.81
N ARG B 392 -10.29 -2.93 -15.77
CA ARG B 392 -9.00 -2.27 -15.85
C ARG B 392 -8.24 -2.80 -17.06
N VAL B 393 -7.77 -1.89 -17.91
CA VAL B 393 -7.10 -2.23 -19.16
C VAL B 393 -5.86 -1.36 -19.29
N ARG B 394 -4.74 -1.96 -19.68
CA ARG B 394 -3.48 -1.24 -19.82
C ARG B 394 -2.78 -1.67 -21.11
N PHE B 395 -2.56 -0.72 -22.01
CA PHE B 395 -1.92 -0.97 -23.30
C PHE B 395 -0.61 -0.20 -23.46
N LYS B 396 -0.13 0.45 -22.41
CA LYS B 396 0.92 1.46 -22.54
C LYS B 396 2.21 0.87 -23.10
N GLY B 397 2.91 1.68 -23.89
CA GLY B 397 4.23 1.33 -24.40
C GLY B 397 4.25 0.16 -25.36
N ASN B 398 3.61 0.33 -26.52
CA ASN B 398 3.56 -0.71 -27.54
C ASN B 398 3.47 -0.03 -28.90
N SER B 399 3.12 -0.80 -29.93
CA SER B 399 2.98 -0.26 -31.28
C SER B 399 1.70 -0.75 -31.94
N PHE B 400 0.59 -0.69 -31.21
CA PHE B 400 -0.69 -0.96 -31.84
C PHE B 400 -1.06 0.18 -32.80
N SER B 401 -1.86 -0.16 -33.81
CA SER B 401 -2.28 0.82 -34.79
C SER B 401 -3.72 0.53 -35.19
N GLY B 402 -4.29 1.43 -35.99
CA GLY B 402 -5.65 1.34 -36.46
C GLY B 402 -6.39 2.63 -36.20
N ASP B 403 -7.70 2.59 -36.41
CA ASP B 403 -8.56 3.74 -36.18
C ASP B 403 -9.08 3.69 -34.75
N ILE B 404 -8.93 4.79 -34.02
CA ILE B 404 -9.33 4.80 -32.61
C ILE B 404 -10.85 4.69 -32.48
N SER B 405 -11.60 5.28 -33.41
CA SER B 405 -13.05 5.23 -33.33
C SER B 405 -13.62 3.90 -33.78
N GLU B 406 -12.83 3.05 -34.43
CA GLU B 406 -13.27 1.74 -34.85
C GLU B 406 -12.71 0.61 -34.01
N ALA B 407 -11.66 0.88 -33.22
CA ALA B 407 -10.98 -0.18 -32.49
C ALA B 407 -11.73 -0.66 -31.27
N PHE B 408 -12.56 0.20 -30.67
CA PHE B 408 -13.20 -0.11 -29.40
C PHE B 408 -14.72 -0.03 -29.54
N GLY B 409 -15.42 -0.16 -28.41
CA GLY B 409 -16.86 -0.14 -28.40
C GLY B 409 -17.44 0.52 -27.17
N VAL B 410 -18.43 -0.12 -26.53
CA VAL B 410 -19.08 0.40 -25.34
C VAL B 410 -18.83 -0.57 -24.19
N TYR B 411 -18.36 -0.04 -23.06
CA TYR B 411 -18.04 -0.85 -21.88
C TYR B 411 -18.79 -0.31 -20.67
N PRO B 412 -19.87 -0.96 -20.24
CA PRO B 412 -20.65 -0.42 -19.11
C PRO B 412 -19.87 -0.26 -17.82
N THR B 413 -18.93 -1.17 -17.51
CA THR B 413 -18.31 -1.20 -16.19
C THR B 413 -16.82 -0.90 -16.22
N LEU B 414 -16.32 -0.24 -17.26
CA LEU B 414 -14.93 0.17 -17.28
C LEU B 414 -14.69 1.32 -16.30
N ASN B 415 -13.53 1.30 -15.64
CA ASN B 415 -13.14 2.44 -14.82
C ASN B 415 -11.66 2.82 -14.93
N PHE B 416 -10.88 2.18 -15.78
CA PHE B 416 -9.48 2.57 -15.96
C PHE B 416 -8.99 2.03 -17.30
N ILE B 417 -8.50 2.93 -18.15
CA ILE B 417 -7.87 2.54 -19.40
C ILE B 417 -6.64 3.43 -19.61
N ASP B 418 -5.58 2.84 -20.15
CA ASP B 418 -4.34 3.56 -20.43
C ASP B 418 -3.82 3.08 -21.78
N LEU B 419 -3.84 3.98 -22.77
CA LEU B 419 -3.47 3.64 -24.14
C LEU B 419 -2.33 4.50 -24.65
N SER B 420 -1.42 4.88 -23.78
CA SER B 420 -0.41 5.85 -24.16
C SER B 420 0.74 5.18 -24.91
N ASN B 421 1.47 6.00 -25.67
CA ASN B 421 2.66 5.57 -26.43
C ASN B 421 2.33 4.43 -27.39
N ASN B 422 1.49 4.75 -28.36
CA ASN B 422 1.05 3.79 -29.38
C ASN B 422 0.87 4.56 -30.69
N ASN B 423 0.18 3.95 -31.64
CA ASN B 423 0.03 4.48 -32.99
C ASN B 423 -1.42 4.44 -33.44
N PHE B 424 -2.33 4.89 -32.59
CA PHE B 424 -3.73 5.05 -32.97
C PHE B 424 -3.92 6.40 -33.64
N HIS B 425 -4.80 6.43 -34.65
CA HIS B 425 -5.18 7.67 -35.29
C HIS B 425 -6.68 7.68 -35.51
N GLY B 426 -7.24 8.88 -35.57
CA GLY B 426 -8.65 9.03 -35.82
C GLY B 426 -9.22 10.16 -35.00
N GLN B 427 -10.53 10.11 -34.77
CA GLN B 427 -11.24 11.06 -33.93
C GLN B 427 -11.88 10.32 -32.77
N LEU B 428 -11.96 10.99 -31.62
CA LEU B 428 -12.65 10.41 -30.49
C LEU B 428 -14.11 10.16 -30.82
N SER B 429 -14.66 9.08 -30.28
CA SER B 429 -16.06 8.74 -30.51
C SER B 429 -16.90 9.19 -29.32
N ALA B 430 -18.21 8.92 -29.42
CA ALA B 430 -19.13 9.22 -28.34
C ALA B 430 -19.53 7.98 -27.56
N ASN B 431 -18.86 6.84 -27.81
CA ASN B 431 -19.13 5.64 -27.04
C ASN B 431 -18.58 5.75 -25.62
N TRP B 432 -17.50 6.50 -25.43
CA TRP B 432 -16.94 6.69 -24.10
C TRP B 432 -17.95 7.33 -23.16
N GLU B 433 -18.95 8.03 -23.70
CA GLU B 433 -20.00 8.61 -22.87
C GLU B 433 -20.78 7.57 -22.10
N GLN B 434 -20.84 6.34 -22.59
CA GLN B 434 -21.69 5.31 -21.98
C GLN B 434 -20.96 4.50 -20.92
N SER B 435 -19.70 4.80 -20.65
CA SER B 435 -19.00 4.25 -19.49
C SER B 435 -19.22 5.22 -18.34
N GLN B 436 -20.29 5.01 -17.58
CA GLN B 436 -20.73 6.00 -16.61
C GLN B 436 -19.86 6.04 -15.37
N LYS B 437 -19.29 4.90 -14.96
CA LYS B 437 -18.46 4.84 -13.78
C LYS B 437 -16.97 4.81 -14.10
N LEU B 438 -16.59 5.27 -15.29
CA LEU B 438 -15.18 5.42 -15.62
C LEU B 438 -14.57 6.52 -14.77
N VAL B 439 -13.31 6.31 -14.37
CA VAL B 439 -12.62 7.21 -13.45
C VAL B 439 -11.39 7.84 -14.09
N ALA B 440 -10.60 7.07 -14.83
CA ALA B 440 -9.39 7.56 -15.46
C ALA B 440 -9.41 7.28 -16.95
N PHE B 441 -8.88 8.22 -17.73
CA PHE B 441 -8.81 8.10 -19.19
C PHE B 441 -7.49 8.70 -19.64
N ILE B 442 -6.52 7.84 -19.97
CA ILE B 442 -5.18 8.27 -20.34
C ILE B 442 -4.91 7.80 -21.76
N LEU B 443 -4.60 8.75 -22.66
CA LEU B 443 -4.53 8.47 -24.08
C LEU B 443 -3.37 9.24 -24.72
N SER B 444 -2.32 9.50 -23.95
CA SER B 444 -1.29 10.44 -24.35
C SER B 444 -0.36 9.87 -25.43
N ASN B 445 0.20 10.77 -26.22
CA ASN B 445 1.26 10.47 -27.21
C ASN B 445 0.80 9.41 -28.21
N ASN B 446 -0.16 9.81 -29.03
CA ASN B 446 -0.65 8.99 -30.13
C ASN B 446 -0.77 9.90 -31.35
N SER B 447 -1.43 9.41 -32.40
CA SER B 447 -1.60 10.15 -33.63
C SER B 447 -3.04 10.64 -33.81
N ILE B 448 -3.79 10.79 -32.73
CA ILE B 448 -5.21 11.10 -32.81
C ILE B 448 -5.42 12.57 -33.19
N THR B 449 -6.35 12.81 -34.12
CA THR B 449 -6.71 14.14 -34.57
C THR B 449 -8.19 14.39 -34.26
N GLY B 450 -8.69 15.53 -34.76
CA GLY B 450 -10.11 15.81 -34.68
C GLY B 450 -10.50 16.83 -33.61
N ALA B 451 -11.68 16.65 -33.04
CA ALA B 451 -12.17 17.50 -31.96
C ALA B 451 -12.72 16.62 -30.85
N ILE B 452 -12.84 17.21 -29.66
CA ILE B 452 -13.31 16.50 -28.47
C ILE B 452 -14.83 16.53 -28.49
N PRO B 453 -15.50 15.38 -28.54
CA PRO B 453 -16.97 15.37 -28.56
C PRO B 453 -17.53 16.01 -27.30
N PRO B 454 -18.63 16.75 -27.41
CA PRO B 454 -19.26 17.30 -26.19
C PRO B 454 -19.64 16.22 -25.20
N GLU B 455 -19.96 15.03 -25.70
CA GLU B 455 -20.36 13.93 -24.82
C GLU B 455 -19.28 13.56 -23.81
N ILE B 456 -18.02 13.90 -24.10
CA ILE B 456 -16.93 13.60 -23.18
C ILE B 456 -17.16 14.26 -21.82
N TRP B 457 -18.00 15.30 -21.77
CA TRP B 457 -18.25 15.99 -20.52
C TRP B 457 -19.47 15.47 -19.77
N ASN B 458 -20.26 14.56 -20.36
CA ASN B 458 -21.32 13.90 -19.61
C ASN B 458 -20.79 13.10 -18.43
N MET B 459 -19.53 12.71 -18.46
CA MET B 459 -18.93 11.87 -17.42
C MET B 459 -18.69 12.71 -16.17
N THR B 460 -19.29 12.29 -15.06
CA THR B 460 -19.16 13.00 -13.80
C THR B 460 -18.37 12.23 -12.74
N GLN B 461 -18.11 10.95 -12.95
CA GLN B 461 -17.24 10.19 -12.06
C GLN B 461 -15.77 10.31 -12.45
N LEU B 462 -15.47 11.04 -13.52
CA LEU B 462 -14.09 11.18 -13.98
C LEU B 462 -13.25 11.89 -12.95
N SER B 463 -12.00 11.47 -12.83
CA SER B 463 -11.06 12.08 -11.90
C SER B 463 -9.70 12.38 -12.48
N GLN B 464 -9.35 11.84 -13.65
CA GLN B 464 -8.08 12.14 -14.30
C GLN B 464 -8.27 12.03 -15.80
N LEU B 465 -7.94 13.10 -16.53
CA LEU B 465 -8.02 13.13 -17.98
C LEU B 465 -6.64 13.45 -18.54
N ASP B 466 -6.22 12.69 -19.56
CA ASP B 466 -4.88 12.84 -20.12
C ASP B 466 -4.97 12.61 -21.63
N LEU B 467 -5.05 13.71 -22.39
CA LEU B 467 -5.10 13.65 -23.84
C LEU B 467 -3.93 14.43 -24.43
N SER B 468 -2.73 14.21 -23.90
CA SER B 468 -1.58 15.05 -24.18
C SER B 468 -0.77 14.52 -25.35
N SER B 469 -0.08 15.44 -26.05
CA SER B 469 0.82 15.14 -27.15
C SER B 469 0.09 14.40 -28.28
N ASN B 470 -0.89 15.09 -28.84
CA ASN B 470 -1.71 14.57 -29.93
C ASN B 470 -1.94 15.71 -30.91
N ARG B 471 -2.90 15.54 -31.81
CA ARG B 471 -3.29 16.58 -32.76
C ARG B 471 -4.77 16.89 -32.65
N ILE B 472 -5.26 17.03 -31.42
CA ILE B 472 -6.64 17.43 -31.20
C ILE B 472 -6.79 18.90 -31.61
N THR B 473 -8.00 19.27 -32.05
CA THR B 473 -8.30 20.64 -32.44
C THR B 473 -9.61 21.07 -31.81
N GLY B 474 -9.98 22.32 -32.04
CA GLY B 474 -11.24 22.87 -31.58
C GLY B 474 -11.08 23.92 -30.51
N GLU B 475 -12.15 24.12 -29.73
CA GLU B 475 -12.16 25.02 -28.60
C GLU B 475 -12.83 24.33 -27.42
N LEU B 476 -12.46 24.75 -26.21
CA LEU B 476 -13.03 24.14 -25.02
C LEU B 476 -14.33 24.84 -24.64
N PRO B 477 -15.44 24.11 -24.51
CA PRO B 477 -16.71 24.76 -24.17
C PRO B 477 -16.80 25.13 -22.70
N GLU B 478 -17.97 25.62 -22.28
CA GLU B 478 -18.19 25.96 -20.88
C GLU B 478 -18.69 24.77 -20.05
N SER B 479 -19.33 23.80 -20.69
CA SER B 479 -19.84 22.63 -19.99
C SER B 479 -18.70 21.82 -19.38
N ILE B 480 -17.46 22.26 -19.60
CA ILE B 480 -16.32 21.67 -18.91
C ILE B 480 -16.48 21.80 -17.41
N SER B 481 -17.38 22.68 -16.96
CA SER B 481 -17.62 22.81 -15.52
C SER B 481 -18.32 21.59 -14.94
N ASN B 482 -18.86 20.71 -15.79
CA ASN B 482 -19.75 19.66 -15.29
C ASN B 482 -18.99 18.54 -14.59
N ILE B 483 -17.72 18.31 -14.96
CA ILE B 483 -17.00 17.16 -14.42
C ILE B 483 -16.83 17.28 -12.90
N ASN B 484 -16.09 18.30 -12.46
CA ASN B 484 -16.08 18.81 -11.07
C ASN B 484 -15.54 17.81 -10.05
N ARG B 485 -15.24 16.58 -10.47
CA ARG B 485 -14.53 15.64 -9.60
C ARG B 485 -13.08 15.55 -10.03
N ILE B 486 -12.78 16.10 -11.22
CA ILE B 486 -11.45 15.96 -11.79
C ILE B 486 -10.42 16.64 -10.90
N SER B 487 -9.25 16.04 -10.83
CA SER B 487 -8.15 16.54 -10.02
C SER B 487 -6.82 16.58 -10.76
N LYS B 488 -6.76 16.08 -11.98
CA LYS B 488 -5.53 16.07 -12.76
C LYS B 488 -5.93 16.13 -14.23
N LEU B 489 -5.83 17.32 -14.82
CA LEU B 489 -6.25 17.56 -16.20
C LEU B 489 -5.03 17.93 -17.03
N GLN B 490 -4.72 17.10 -18.01
CA GLN B 490 -3.54 17.28 -18.85
C GLN B 490 -3.97 17.33 -20.31
N LEU B 491 -3.84 18.51 -20.92
CA LEU B 491 -4.26 18.71 -22.30
C LEU B 491 -3.19 19.38 -23.14
N ASN B 492 -1.92 19.26 -22.76
CA ASN B 492 -0.86 19.95 -23.47
C ASN B 492 -0.43 19.18 -24.71
N GLY B 493 0.33 19.84 -25.58
CA GLY B 493 0.79 19.22 -26.80
C GLY B 493 -0.29 18.91 -27.81
N ASN B 494 -1.22 19.84 -28.02
CA ASN B 494 -2.32 19.65 -28.95
C ASN B 494 -2.47 20.93 -29.77
N ARG B 495 -3.56 21.04 -30.51
CA ARG B 495 -3.85 22.26 -31.25
C ARG B 495 -5.19 22.84 -30.85
N LEU B 496 -5.46 22.92 -29.56
CA LEU B 496 -6.64 23.63 -29.08
C LEU B 496 -6.46 25.12 -29.32
N SER B 497 -7.57 25.83 -29.40
CA SER B 497 -7.53 27.25 -29.73
C SER B 497 -8.72 27.96 -29.11
N GLY B 498 -8.64 29.29 -29.07
CA GLY B 498 -9.72 30.12 -28.57
C GLY B 498 -9.42 30.77 -27.24
N LYS B 499 -10.44 30.94 -26.42
CA LYS B 499 -10.27 31.44 -25.06
C LYS B 499 -9.98 30.30 -24.11
N ILE B 500 -9.49 30.65 -22.92
CA ILE B 500 -9.49 29.71 -21.80
C ILE B 500 -10.88 29.78 -21.18
N PRO B 501 -11.63 28.68 -21.17
CA PRO B 501 -13.01 28.76 -20.68
C PRO B 501 -13.06 29.16 -19.22
N SER B 502 -13.98 30.08 -18.91
CA SER B 502 -14.16 30.52 -17.53
C SER B 502 -14.71 29.42 -16.65
N GLY B 503 -15.38 28.43 -17.23
CA GLY B 503 -15.97 27.35 -16.45
C GLY B 503 -14.96 26.58 -15.63
N ILE B 504 -13.67 26.65 -15.99
CA ILE B 504 -12.62 26.02 -15.20
C ILE B 504 -12.67 26.49 -13.75
N ARG B 505 -13.07 27.75 -13.53
CA ARG B 505 -13.12 28.28 -12.17
C ARG B 505 -14.11 27.51 -11.30
N LEU B 506 -15.06 26.78 -11.89
CA LEU B 506 -15.98 25.99 -11.09
C LEU B 506 -15.40 24.65 -10.66
N LEU B 507 -14.19 24.31 -11.12
CA LEU B 507 -13.51 23.10 -10.69
C LEU B 507 -12.83 23.37 -9.36
N THR B 508 -13.08 22.54 -8.36
CA THR B 508 -12.56 22.78 -7.02
C THR B 508 -11.59 21.73 -6.53
N ASN B 509 -11.65 20.49 -7.03
CA ASN B 509 -10.70 19.46 -6.64
C ASN B 509 -9.44 19.47 -7.49
N LEU B 510 -9.27 20.48 -8.33
CA LEU B 510 -8.15 20.50 -9.27
C LEU B 510 -6.83 20.60 -8.54
N GLU B 511 -5.93 19.65 -8.81
CA GLU B 511 -4.57 19.63 -8.29
C GLU B 511 -3.53 19.97 -9.33
N TYR B 512 -3.61 19.34 -10.50
CA TYR B 512 -2.59 19.42 -11.53
C TYR B 512 -3.26 19.89 -12.82
N LEU B 513 -2.85 21.04 -13.32
CA LEU B 513 -3.43 21.65 -14.52
C LEU B 513 -2.31 21.94 -15.52
N ASP B 514 -2.31 21.21 -16.63
CA ASP B 514 -1.31 21.38 -17.68
C ASP B 514 -2.02 21.83 -18.96
N LEU B 515 -1.87 23.10 -19.30
CA LEU B 515 -2.43 23.68 -20.51
C LEU B 515 -1.31 24.43 -21.24
N SER B 516 -0.54 23.73 -22.05
CA SER B 516 0.66 24.31 -22.66
C SER B 516 0.85 23.73 -24.04
N SER B 517 1.66 24.44 -24.84
CA SER B 517 1.97 24.04 -26.21
C SER B 517 0.70 23.89 -27.04
N ASN B 518 -0.22 24.83 -26.90
CA ASN B 518 -1.40 24.90 -27.74
C ASN B 518 -1.49 26.29 -28.36
N ARG B 519 -2.60 26.62 -28.99
CA ARG B 519 -2.80 27.93 -29.59
C ARG B 519 -3.99 28.66 -28.96
N PHE B 520 -4.08 28.61 -27.63
CA PHE B 520 -5.01 29.48 -26.93
C PHE B 520 -4.59 30.94 -27.13
N SER B 521 -5.56 31.82 -27.38
CA SER B 521 -5.24 33.24 -27.53
C SER B 521 -6.43 34.06 -27.03
N SER B 522 -6.38 34.43 -25.75
CA SER B 522 -7.37 35.27 -25.10
C SER B 522 -6.94 35.48 -23.66
N GLU B 523 -7.53 36.49 -23.01
CA GLU B 523 -7.12 36.85 -21.66
C GLU B 523 -7.27 35.65 -20.72
N ILE B 524 -6.35 35.56 -19.77
CA ILE B 524 -6.49 34.55 -18.73
C ILE B 524 -7.75 34.84 -17.93
N PRO B 525 -8.58 33.85 -17.62
CA PRO B 525 -9.84 34.11 -16.91
C PRO B 525 -9.59 34.90 -15.63
N PRO B 526 -10.11 36.13 -15.56
CA PRO B 526 -9.84 36.98 -14.39
C PRO B 526 -10.49 36.49 -13.10
N THR B 527 -11.21 35.37 -13.15
CA THR B 527 -11.95 34.87 -12.00
C THR B 527 -11.38 33.57 -11.45
N LEU B 528 -10.18 33.16 -11.87
CA LEU B 528 -9.57 31.96 -11.32
C LEU B 528 -9.02 32.24 -9.93
N ASN B 529 -9.87 32.14 -8.91
CA ASN B 529 -9.40 32.33 -7.54
C ASN B 529 -10.05 31.37 -6.55
N ASN B 530 -10.65 30.28 -7.00
CA ASN B 530 -11.37 29.35 -6.13
C ASN B 530 -10.86 27.93 -6.32
N LEU B 531 -9.54 27.78 -6.27
CA LEU B 531 -8.88 26.48 -6.40
C LEU B 531 -8.04 26.27 -5.14
N PRO B 532 -8.65 25.81 -4.06
CA PRO B 532 -7.94 25.75 -2.78
C PRO B 532 -7.07 24.51 -2.61
N ARG B 533 -6.83 23.77 -3.70
CA ARG B 533 -5.96 22.60 -3.65
C ARG B 533 -4.91 22.55 -4.74
N LEU B 534 -4.95 23.47 -5.71
CA LEU B 534 -4.02 23.43 -6.83
C LEU B 534 -2.60 23.70 -6.37
N TYR B 535 -1.65 22.89 -6.84
CA TYR B 535 -0.24 23.07 -6.50
C TYR B 535 0.65 23.10 -7.73
N TYR B 536 0.09 22.99 -8.93
CA TYR B 536 0.87 23.00 -10.16
C TYR B 536 -0.01 23.52 -11.29
N MET B 537 0.50 24.47 -12.06
CA MET B 537 -0.23 24.98 -13.21
C MET B 537 0.76 25.52 -14.23
N ASN B 538 0.71 24.98 -15.45
CA ASN B 538 1.65 25.30 -16.52
C ASN B 538 0.86 25.79 -17.72
N LEU B 539 1.02 27.07 -18.05
CA LEU B 539 0.37 27.72 -19.18
C LEU B 539 1.41 28.31 -20.13
N SER B 540 2.44 27.54 -20.45
CA SER B 540 3.57 28.01 -21.23
C SER B 540 3.39 27.68 -22.70
N ARG B 541 4.13 28.40 -23.54
CA ARG B 541 4.17 28.18 -24.99
C ARG B 541 2.77 28.27 -25.60
N ASN B 542 2.18 29.44 -25.48
CA ASN B 542 0.83 29.68 -25.98
C ASN B 542 0.84 31.04 -26.70
N ASP B 543 -0.35 31.54 -27.00
CA ASP B 543 -0.47 32.87 -27.59
C ASP B 543 -1.32 33.77 -26.71
N LEU B 544 -1.07 33.75 -25.41
CA LEU B 544 -1.85 34.55 -24.49
C LEU B 544 -1.54 36.03 -24.66
N ASP B 545 -2.12 36.84 -23.79
CA ASP B 545 -2.36 38.27 -24.05
C ASP B 545 -2.37 39.08 -22.76
N GLN B 546 -3.18 40.15 -22.76
CA GLN B 546 -3.11 41.26 -21.80
C GLN B 546 -2.94 40.80 -20.35
N THR B 547 -2.44 41.73 -19.54
CA THR B 547 -1.76 41.53 -18.25
C THR B 547 -2.31 40.45 -17.34
N ILE B 548 -1.41 39.78 -16.64
CA ILE B 548 -1.74 38.69 -15.70
C ILE B 548 -2.75 39.19 -14.67
N PRO B 549 -3.84 38.47 -14.45
CA PRO B 549 -4.82 38.90 -13.44
C PRO B 549 -4.34 38.60 -12.03
N GLU B 550 -4.53 39.58 -11.14
CA GLU B 550 -4.12 39.43 -9.75
C GLU B 550 -4.89 38.36 -9.01
N GLY B 551 -6.04 37.92 -9.53
CA GLY B 551 -6.75 36.82 -8.92
C GLY B 551 -5.90 35.56 -8.81
N LEU B 552 -4.95 35.40 -9.73
CA LEU B 552 -4.05 34.25 -9.70
C LEU B 552 -3.22 34.21 -8.43
N THR B 553 -3.14 35.32 -7.70
CA THR B 553 -2.38 35.37 -6.46
C THR B 553 -3.21 35.00 -5.23
N LYS B 554 -4.48 34.61 -5.41
CA LYS B 554 -5.21 33.94 -4.34
C LYS B 554 -5.17 32.42 -4.47
N LEU B 555 -4.34 31.91 -5.36
CA LEU B 555 -4.08 30.47 -5.45
C LEU B 555 -3.09 30.12 -4.35
N SER B 556 -3.63 29.86 -3.15
CA SER B 556 -2.79 29.80 -1.95
C SER B 556 -1.80 28.65 -1.99
N GLN B 557 -2.22 27.49 -2.47
CA GLN B 557 -1.40 26.28 -2.40
C GLN B 557 -0.48 26.09 -3.59
N LEU B 558 -0.15 27.16 -4.31
CA LEU B 558 0.64 27.06 -5.52
C LEU B 558 2.10 26.82 -5.20
N GLN B 559 2.73 25.90 -5.94
CA GLN B 559 4.14 25.59 -5.77
C GLN B 559 4.98 25.70 -7.02
N MET B 560 4.37 25.69 -8.21
CA MET B 560 5.11 25.76 -9.47
C MET B 560 4.25 26.51 -10.47
N LEU B 561 4.78 27.58 -11.06
CA LEU B 561 4.06 28.43 -11.99
C LEU B 561 4.93 28.68 -13.21
N ASP B 562 4.36 28.54 -14.40
CA ASP B 562 5.11 28.66 -15.65
C ASP B 562 4.31 29.45 -16.68
N LEU B 563 4.45 30.77 -16.66
CA LEU B 563 3.89 31.66 -17.68
C LEU B 563 4.99 32.10 -18.64
N SER B 564 5.47 31.17 -19.47
CA SER B 564 6.62 31.42 -20.31
C SER B 564 6.30 31.18 -21.79
N TYR B 565 7.01 31.91 -22.66
CA TYR B 565 6.83 31.81 -24.11
C TYR B 565 5.40 32.15 -24.54
N ASN B 566 5.01 33.38 -24.24
CA ASN B 566 3.65 33.86 -24.47
C ASN B 566 3.74 35.29 -24.99
N GLN B 567 2.62 36.00 -24.97
CA GLN B 567 2.61 37.42 -25.31
C GLN B 567 2.05 38.27 -24.17
N LEU B 568 2.36 37.89 -22.92
CA LEU B 568 1.94 38.67 -21.77
C LEU B 568 2.57 40.06 -21.81
N ASP B 569 2.06 40.94 -20.95
CA ASP B 569 2.45 42.35 -21.00
C ASP B 569 2.20 42.99 -19.63
N GLY B 570 2.62 44.25 -19.51
CA GLY B 570 2.36 45.02 -18.32
C GLY B 570 3.42 44.88 -17.24
N GLU B 571 3.00 45.01 -15.99
CA GLU B 571 3.91 44.93 -14.84
C GLU B 571 3.50 43.78 -13.95
N ILE B 572 4.50 43.18 -13.29
CA ILE B 572 4.25 42.17 -12.28
C ILE B 572 3.77 42.86 -11.01
N SER B 573 2.67 42.37 -10.44
CA SER B 573 2.08 43.02 -9.29
C SER B 573 2.81 42.62 -8.01
N SER B 574 2.44 43.25 -6.90
CA SER B 574 3.04 42.97 -5.60
C SER B 574 2.26 41.94 -4.81
N GLN B 575 1.15 41.46 -5.34
CA GLN B 575 0.35 40.45 -4.64
C GLN B 575 0.98 39.07 -4.67
N PHE B 576 2.13 38.90 -5.33
CA PHE B 576 2.81 37.62 -5.33
C PHE B 576 3.38 37.26 -3.97
N ARG B 577 3.40 38.20 -3.02
CA ARG B 577 3.79 37.88 -1.65
C ARG B 577 2.87 36.84 -1.04
N SER B 578 1.58 36.88 -1.39
CA SER B 578 0.61 35.98 -0.77
C SER B 578 0.91 34.52 -1.09
N LEU B 579 1.58 34.26 -2.20
CA LEU B 579 1.98 32.89 -2.53
C LEU B 579 3.10 32.50 -1.57
N GLN B 580 2.75 31.77 -0.51
CA GLN B 580 3.69 31.39 0.52
C GLN B 580 4.25 29.99 0.32
N ASN B 581 3.92 29.34 -0.79
CA ASN B 581 4.47 28.02 -1.10
C ASN B 581 5.22 27.97 -2.43
N LEU B 582 5.08 28.98 -3.28
CA LEU B 582 5.68 28.95 -4.60
C LEU B 582 7.19 28.85 -4.49
N GLU B 583 7.78 27.99 -5.31
CA GLU B 583 9.23 27.81 -5.31
C GLU B 583 9.82 27.69 -6.71
N ARG B 584 9.02 27.84 -7.76
CA ARG B 584 9.49 27.86 -9.14
C ARG B 584 8.67 28.88 -9.90
N LEU B 585 9.35 29.79 -10.59
CA LEU B 585 8.66 30.85 -11.33
C LEU B 585 9.35 31.00 -12.68
N ASP B 586 8.70 30.51 -13.73
CA ASP B 586 9.18 30.67 -15.10
C ASP B 586 8.33 31.77 -15.75
N LEU B 587 8.97 32.90 -16.02
CA LEU B 587 8.22 34.09 -16.40
C LEU B 587 8.88 34.80 -17.58
N SER B 588 9.64 34.08 -18.40
CA SER B 588 10.52 34.63 -19.41
C SER B 588 9.84 34.64 -20.78
N HIS B 589 10.49 35.33 -21.72
CA HIS B 589 10.06 35.40 -23.11
C HIS B 589 8.64 35.98 -23.23
N ASN B 590 8.53 37.25 -22.87
CA ASN B 590 7.26 37.98 -22.93
C ASN B 590 7.55 39.45 -23.23
N ASN B 591 6.52 40.28 -23.08
CA ASN B 591 6.71 41.70 -22.83
C ASN B 591 6.31 42.15 -21.43
N LEU B 592 6.79 41.46 -20.41
CA LEU B 592 6.66 42.01 -19.07
C LEU B 592 7.54 43.25 -18.95
N SER B 593 7.00 44.29 -18.33
CA SER B 593 7.66 45.60 -18.34
C SER B 593 7.59 46.21 -16.93
N GLY B 594 8.39 47.25 -16.73
CA GLY B 594 8.48 47.90 -15.44
C GLY B 594 9.65 47.40 -14.64
N GLN B 595 9.53 47.43 -13.31
CA GLN B 595 10.57 46.94 -12.42
C GLN B 595 10.04 45.76 -11.61
N ILE B 596 10.94 44.85 -11.29
CA ILE B 596 10.56 43.71 -10.45
C ILE B 596 10.29 44.21 -9.04
N PRO B 597 9.14 43.90 -8.44
CA PRO B 597 8.79 44.53 -7.17
C PRO B 597 9.77 44.16 -6.08
N PRO B 598 10.00 45.05 -5.12
CA PRO B 598 10.93 44.74 -4.02
C PRO B 598 10.30 43.86 -2.97
N SER B 599 8.96 43.92 -2.86
CA SER B 599 8.23 43.13 -1.88
C SER B 599 8.49 41.63 -2.01
N PHE B 600 9.16 41.20 -3.09
CA PHE B 600 9.57 39.80 -3.22
C PHE B 600 10.67 39.43 -2.23
N LYS B 601 11.03 40.34 -1.33
CA LYS B 601 11.96 40.01 -0.26
C LYS B 601 11.27 39.32 0.92
N ASP B 602 10.13 38.66 0.67
CA ASP B 602 9.35 38.07 1.75
C ASP B 602 9.06 36.58 1.59
N MET B 603 9.09 36.03 0.38
CA MET B 603 8.85 34.61 0.19
C MET B 603 10.18 33.86 0.22
N LEU B 604 10.36 33.05 1.26
CA LEU B 604 11.61 32.33 1.50
C LEU B 604 11.66 30.98 0.80
N ALA B 605 10.59 30.60 0.10
CA ALA B 605 10.56 29.31 -0.58
C ALA B 605 11.18 29.34 -1.97
N LEU B 606 11.39 30.52 -2.54
CA LEU B 606 11.93 30.62 -3.89
C LEU B 606 13.33 30.02 -3.97
N THR B 607 13.53 29.18 -4.98
CA THR B 607 14.84 28.65 -5.32
C THR B 607 15.23 28.92 -6.77
N HIS B 608 14.29 28.85 -7.69
CA HIS B 608 14.55 29.04 -9.11
C HIS B 608 13.62 30.11 -9.65
N VAL B 609 14.19 31.11 -10.32
CA VAL B 609 13.43 32.14 -11.02
C VAL B 609 14.07 32.38 -12.37
N ASP B 610 13.24 32.74 -13.35
CA ASP B 610 13.71 33.04 -14.69
C ASP B 610 12.83 34.14 -15.28
N VAL B 611 13.43 35.31 -15.51
CA VAL B 611 12.69 36.44 -16.05
C VAL B 611 13.46 36.94 -17.27
N SER B 612 14.17 36.03 -17.93
CA SER B 612 15.03 36.40 -19.05
C SER B 612 14.21 36.83 -20.26
N HIS B 613 14.86 37.58 -21.16
CA HIS B 613 14.29 37.97 -22.45
C HIS B 613 12.93 38.64 -22.30
N ASN B 614 12.86 39.58 -21.36
CA ASN B 614 11.68 40.42 -21.21
C ASN B 614 12.10 41.88 -21.22
N ASN B 615 11.18 42.78 -20.90
CA ASN B 615 11.45 44.22 -20.91
C ASN B 615 11.52 44.79 -19.49
N LEU B 616 12.11 44.03 -18.57
CA LEU B 616 12.22 44.48 -17.19
C LEU B 616 13.38 45.47 -17.03
N GLN B 617 13.43 46.09 -15.86
CA GLN B 617 14.48 47.04 -15.53
C GLN B 617 14.53 47.21 -14.02
N GLY B 618 15.61 47.80 -13.54
CA GLY B 618 15.74 48.12 -12.14
C GLY B 618 16.43 47.04 -11.31
N PRO B 619 16.65 47.33 -10.03
CA PRO B 619 17.41 46.40 -9.19
C PRO B 619 16.64 45.12 -8.91
N ILE B 620 17.39 44.05 -8.67
CA ILE B 620 16.82 42.75 -8.32
C ILE B 620 16.55 42.72 -6.82
N PRO B 621 15.61 41.90 -6.34
CA PRO B 621 15.33 41.84 -4.91
C PRO B 621 16.40 41.08 -4.15
N ASP B 622 16.32 41.18 -2.82
CA ASP B 622 17.26 40.53 -1.91
C ASP B 622 16.69 39.17 -1.51
N ASN B 623 16.83 38.20 -2.41
CA ASN B 623 16.40 36.84 -2.15
C ASN B 623 17.54 35.89 -2.49
N ALA B 624 17.50 34.70 -1.89
CA ALA B 624 18.52 33.70 -2.19
C ALA B 624 18.48 33.27 -3.66
N ALA B 625 17.28 33.23 -4.24
CA ALA B 625 17.16 32.81 -5.65
C ALA B 625 17.81 33.81 -6.57
N PHE B 626 17.55 35.11 -6.36
CA PHE B 626 18.26 36.13 -7.12
C PHE B 626 19.74 36.19 -6.72
N ARG B 627 20.03 35.91 -5.44
CA ARG B 627 21.41 35.82 -4.99
C ARG B 627 22.18 34.75 -5.76
N ASN B 628 21.52 33.64 -6.10
CA ASN B 628 22.18 32.46 -6.65
C ASN B 628 21.66 32.11 -8.03
N ALA B 629 21.27 33.10 -8.81
CA ALA B 629 20.73 32.83 -10.13
C ALA B 629 21.86 32.85 -11.17
N PRO B 630 22.01 31.78 -11.94
CA PRO B 630 23.05 31.75 -12.98
C PRO B 630 22.82 32.82 -14.03
N PRO B 631 23.80 33.08 -14.90
CA PRO B 631 23.61 34.12 -15.92
C PRO B 631 22.43 33.88 -16.85
N ASP B 632 22.07 32.63 -17.10
CA ASP B 632 21.11 32.29 -18.15
C ASP B 632 19.67 32.65 -17.80
N ALA B 633 19.38 33.40 -16.75
CA ALA B 633 18.02 33.79 -16.41
C ALA B 633 17.83 35.31 -16.38
N PHE B 634 18.77 36.08 -16.92
CA PHE B 634 18.71 37.53 -16.80
C PHE B 634 19.04 38.28 -18.09
N GLU B 635 19.32 37.60 -19.19
CA GLU B 635 19.74 38.29 -20.40
C GLU B 635 18.57 39.02 -21.05
N GLY B 636 18.86 39.69 -22.17
CA GLY B 636 17.85 40.24 -23.04
C GLY B 636 17.01 41.38 -22.49
N ASN B 637 17.14 41.67 -21.21
CA ASN B 637 16.33 42.70 -20.58
C ASN B 637 17.03 44.05 -20.69
N LYS B 638 16.36 45.09 -20.20
CA LYS B 638 16.81 46.46 -20.45
C LYS B 638 17.87 46.93 -19.46
N ASP B 639 17.52 47.01 -18.17
CA ASP B 639 18.36 47.74 -17.23
C ASP B 639 18.51 47.01 -15.90
N LEU B 640 18.51 45.68 -15.91
CA LEU B 640 18.64 44.91 -14.68
C LEU B 640 20.04 45.08 -14.10
N CYS B 641 20.15 45.84 -13.02
CA CYS B 641 21.40 46.02 -12.29
C CYS B 641 21.52 44.99 -11.18
N GLY B 642 22.76 44.69 -10.80
CA GLY B 642 23.01 43.66 -9.80
C GLY B 642 24.18 44.02 -8.90
N SER B 643 24.38 43.17 -7.89
CA SER B 643 25.41 43.37 -6.89
C SER B 643 26.70 42.67 -7.30
N VAL B 644 27.80 43.05 -6.63
CA VAL B 644 29.13 42.60 -7.04
C VAL B 644 29.26 41.08 -6.86
N ASN B 645 28.80 40.57 -5.71
CA ASN B 645 28.90 39.13 -5.47
C ASN B 645 28.03 38.35 -6.46
N THR B 646 26.82 38.82 -6.70
CA THR B 646 25.93 38.21 -7.70
C THR B 646 26.17 38.87 -9.05
N THR B 647 27.37 38.66 -9.57
CA THR B 647 27.77 39.20 -10.86
C THR B 647 27.68 38.10 -11.91
N GLN B 648 26.62 38.15 -12.72
CA GLN B 648 26.41 37.19 -13.81
C GLN B 648 26.13 38.00 -15.08
N GLY B 649 27.19 38.45 -15.75
CA GLY B 649 27.07 39.22 -16.96
C GLY B 649 26.38 40.56 -16.82
N LEU B 650 25.84 40.88 -15.64
CA LEU B 650 25.03 42.07 -15.47
C LEU B 650 25.90 43.29 -15.20
N LYS B 651 25.41 44.45 -15.60
CA LYS B 651 26.10 45.70 -15.29
C LYS B 651 26.04 45.97 -13.79
N PRO B 652 27.13 46.42 -13.18
CA PRO B 652 27.10 46.75 -11.75
C PRO B 652 26.11 47.87 -11.47
N CYS B 653 25.33 47.68 -10.41
CA CYS B 653 24.27 48.64 -10.11
C CYS B 653 24.86 49.94 -9.58
N SER B 654 24.21 51.04 -9.92
CA SER B 654 24.67 52.36 -9.51
C SER B 654 24.12 52.74 -8.14
N PRO C 1 -11.53 -20.17 16.97
CA PRO C 1 -11.16 -21.40 16.25
C PRO C 1 -9.79 -21.30 15.57
N VAL C 2 -9.22 -22.44 15.23
CA VAL C 2 -7.92 -22.52 14.59
C VAL C 2 -8.12 -22.96 13.15
N ARG C 3 -7.40 -22.32 12.23
CA ARG C 3 -7.60 -22.53 10.80
C ARG C 3 -6.26 -22.66 10.11
N SER C 4 -6.29 -23.15 8.88
CA SER C 4 -5.11 -23.17 8.04
C SER C 4 -4.73 -21.76 7.63
N SER C 5 -3.52 -21.62 7.10
CA SER C 5 -3.13 -20.35 6.52
C SER C 5 -3.75 -20.22 5.13
N GLN C 6 -3.77 -18.99 4.62
CA GLN C 6 -4.25 -18.70 3.29
C GLN C 6 -3.23 -17.85 2.56
N SER C 7 -2.92 -18.24 1.33
CA SER C 7 -1.96 -17.52 0.51
C SER C 7 -2.64 -16.39 -0.24
N SER C 8 -2.01 -15.22 -0.24
CA SER C 8 -2.53 -14.09 -0.98
C SER C 8 -2.18 -14.25 -2.46
N GLN C 9 -2.53 -13.24 -3.26
CA GLN C 9 -2.28 -13.27 -4.68
C GLN C 9 -1.22 -12.24 -5.05
N ALA C 10 -0.54 -12.51 -6.15
CA ALA C 10 0.49 -11.59 -6.62
C ALA C 10 -0.14 -10.26 -7.00
N GLY C 11 0.61 -9.19 -6.79
CA GLY C 11 0.10 -7.88 -7.14
C GLY C 11 -0.09 -7.76 -8.64
N GLY C 12 -1.15 -7.07 -9.03
CA GLY C 12 -1.33 -6.69 -10.42
C GLY C 12 -0.70 -5.35 -10.71
N ARG C 13 -0.79 -4.94 -11.97
CA ARG C 13 -0.31 -3.62 -12.35
C ARG C 13 -1.47 -2.72 -12.76
C1 NAG D . -9.70 -6.67 -11.61
C2 NAG D . -10.06 -7.62 -10.47
C3 NAG D . -11.00 -6.92 -9.50
C4 NAG D . -10.41 -5.59 -9.03
C5 NAG D . -9.97 -4.74 -10.22
C6 NAG D . -9.21 -3.51 -9.81
C7 NAG D . -10.38 -10.05 -10.46
C8 NAG D . -11.09 -11.21 -11.09
N2 NAG D . -10.65 -8.85 -10.97
O3 NAG D . -11.23 -7.77 -8.38
O4 NAG D . -11.43 -4.87 -8.33
O5 NAG D . -9.10 -5.50 -11.08
O6 NAG D . -7.82 -3.77 -9.72
O7 NAG D . -9.60 -10.20 -9.53
C1 NAG D . -11.10 -4.57 -6.96
C2 NAG D . -12.05 -3.47 -6.51
C3 NAG D . -11.79 -3.10 -5.06
C4 NAG D . -11.87 -4.36 -4.17
C5 NAG D . -10.95 -5.44 -4.73
C6 NAG D . -11.09 -6.76 -4.01
C7 NAG D . -12.87 -1.98 -8.28
C8 NAG D . -14.04 -2.92 -8.40
N2 NAG D . -11.95 -2.29 -7.37
O3 NAG D . -12.76 -2.14 -4.68
O4 NAG D . -11.44 -4.11 -2.84
O5 NAG D . -11.25 -5.70 -6.12
O6 NAG D . -10.05 -6.96 -3.07
O7 NAG D . -12.77 -0.98 -8.97
C1 BMA D . -12.26 -3.20 -2.05
C2 BMA D . -13.69 -3.81 -1.74
C3 BMA D . -14.09 -3.35 -0.36
C4 BMA D . -13.20 -4.02 0.64
C5 BMA D . -11.74 -3.58 0.42
C6 BMA D . -10.77 -4.74 0.47
O2 BMA D . -13.65 -5.23 -1.68
O3 BMA D . -15.44 -3.63 -0.05
O4 BMA D . -13.62 -3.70 1.95
O5 BMA D . -11.55 -2.81 -0.82
O6 BMA D . -10.85 -5.27 1.79
C1 MAN D . -16.26 -2.43 -0.02
C2 MAN D . -17.03 -2.30 1.29
C3 MAN D . -17.64 -0.90 1.34
C4 MAN D . -18.43 -0.61 0.07
C5 MAN D . -17.71 -1.02 -1.23
C6 MAN D . -16.60 -0.05 -1.63
O2 MAN D . -16.17 -2.51 2.41
O3 MAN D . -16.59 0.07 1.55
O4 MAN D . -19.67 -1.29 0.14
O5 MAN D . -17.18 -2.34 -1.10
O6 MAN D . -17.12 1.28 -1.67
C1 MAN D . -9.58 -5.66 2.37
C2 MAN D . -9.86 -6.24 3.75
C3 MAN D . -10.34 -5.12 4.68
C4 MAN D . -9.29 -4.02 4.73
C5 MAN D . -9.00 -3.54 3.31
C6 MAN D . -7.90 -2.48 3.32
O2 MAN D . -8.68 -6.83 4.28
O3 MAN D . -10.56 -5.64 5.99
O4 MAN D . -9.76 -2.92 5.52
O5 MAN D . -8.58 -4.64 2.52
O6 MAN D . -6.75 -3.00 3.97
C1 NAG E . 21.22 24.21 21.75
C2 NAG E . 22.44 23.34 21.54
C3 NAG E . 22.47 22.23 22.58
C4 NAG E . 22.37 22.81 23.99
C5 NAG E . 21.24 23.85 24.09
C6 NAG E . 21.28 24.63 25.39
C7 NAG E . 21.62 21.90 19.69
C8 NAG E . 21.87 21.45 18.29
N2 NAG E . 22.49 22.78 20.20
O3 NAG E . 23.69 21.52 22.43
O4 NAG E . 22.05 21.79 24.94
O5 NAG E . 21.30 24.81 23.02
O6 NAG E . 22.62 24.92 25.78
O7 NAG E . 20.66 21.48 20.34
C1 NAG E . 23.01 20.74 25.26
C2 NAG E . 22.25 19.40 25.19
C3 NAG E . 23.19 18.22 25.40
C4 NAG E . 24.38 18.30 24.45
C5 NAG E . 25.09 19.63 24.64
C6 NAG E . 26.24 19.83 23.68
C7 NAG E . 20.01 20.00 26.03
C8 NAG E . 19.03 19.83 27.15
N2 NAG E . 21.18 19.36 26.17
O3 NAG E . 22.48 17.01 25.17
O4 NAG E . 25.30 17.24 24.72
O5 NAG E . 24.16 20.70 24.39
O6 NAG E . 27.09 20.90 24.09
O7 NAG E . 19.77 20.70 25.05
C1 NAG F . -6.98 28.62 13.56
C2 NAG F . -7.39 29.09 14.97
C3 NAG F . -8.38 30.24 14.89
C4 NAG F . -7.82 31.37 14.06
C5 NAG F . -7.55 30.83 12.66
C6 NAG F . -6.95 31.85 11.73
C7 NAG F . -7.97 27.99 17.10
C8 NAG F . -8.56 26.77 17.73
N2 NAG F . -7.93 27.99 15.76
O3 NAG F . -8.69 30.70 16.21
O4 NAG F . -8.72 32.47 14.00
O5 NAG F . -6.61 29.75 12.75
O6 NAG F . -6.22 31.22 10.68
O7 NAG F . -7.54 28.93 17.75
C1 NAG F . -8.35 33.50 14.94
C2 NAG F . -9.63 34.25 15.34
C3 NAG F . -9.33 35.31 16.39
C4 NAG F . -8.59 34.69 17.57
C5 NAG F . -7.34 33.98 17.08
C6 NAG F . -6.60 33.26 18.18
C7 NAG F . -11.54 34.73 13.88
C8 NAG F . -12.01 35.43 12.64
N2 NAG F . -10.25 34.87 14.18
O3 NAG F . -10.54 35.90 16.83
O4 NAG F . -8.23 35.69 18.52
O5 NAG F . -7.70 32.98 16.12
O6 NAG F . -6.62 34.00 19.39
O7 NAG F . -12.31 34.06 14.57
C1 NAG G . 10.46 -42.59 18.00
C2 NAG G . 11.55 -42.49 16.96
C3 NAG G . 12.91 -42.41 17.65
C4 NAG G . 12.92 -41.28 18.67
C5 NAG G . 11.70 -41.31 19.59
C6 NAG G . 11.57 -40.06 20.44
C7 NAG G . 11.36 -43.48 14.72
C8 NAG G . 11.33 -44.75 13.93
N2 NAG G . 11.51 -43.63 16.04
O3 NAG G . 13.93 -42.21 16.68
O4 NAG G . 14.14 -41.22 19.42
O5 NAG G . 10.48 -41.42 18.83
O6 NAG G . 12.81 -39.41 20.59
O7 NAG G . 11.24 -42.39 14.20
C1 NAG G . 14.91 -42.40 19.89
C2 NAG G . 14.08 -43.25 20.88
C3 NAG G . 14.20 -44.74 20.55
C4 NAG G . 15.64 -45.15 20.31
C5 NAG G . 16.32 -44.23 19.28
C6 NAG G . 16.82 -44.98 18.07
C7 NAG G . 13.70 -42.37 23.14
C8 NAG G . 14.28 -42.20 24.52
N2 NAG G . 14.49 -43.00 22.26
O3 NAG G . 13.41 -45.03 19.40
O4 NAG G . 16.37 -45.10 21.53
O5 NAG G . 15.41 -43.24 18.81
O6 NAG G . 16.50 -46.37 18.14
O7 NAG G . 12.58 -41.98 22.85
C1 NAG H . 11.19 -15.38 27.05
C2 NAG H . 12.65 -15.68 27.28
C3 NAG H . 12.93 -15.72 28.78
C4 NAG H . 12.49 -14.42 29.43
C5 NAG H . 11.04 -14.06 29.04
C6 NAG H . 10.65 -12.66 29.48
C7 NAG H . 14.31 -17.16 26.28
C8 NAG H . 14.58 -18.49 25.64
N2 NAG H . 13.06 -16.92 26.65
O3 NAG H . 14.32 -15.94 28.96
O4 NAG H . 12.52 -14.54 30.86
O5 NAG H . 10.86 -14.11 27.61
O6 NAG H . 11.51 -11.68 28.91
O7 NAG H . 15.21 -16.34 26.44
C1 NAG H . 13.83 -14.32 31.42
C2 NAG H . 13.69 -14.00 32.91
C3 NAG H . 15.06 -13.87 33.56
C4 NAG H . 15.91 -15.10 33.28
C5 NAG H . 15.98 -15.35 31.77
C6 NAG H . 16.72 -16.62 31.41
C7 NAG H . 11.80 -12.76 33.86
C8 NAG H . 11.12 -11.43 33.96
N2 NAG H . 12.91 -12.79 33.12
O3 NAG H . 14.91 -13.69 34.96
O4 NAG H . 17.23 -14.93 33.79
O5 NAG H . 14.66 -15.48 31.25
O6 NAG H . 15.91 -17.45 30.59
O7 NAG H . 11.37 -13.76 34.43
C1 NAG I . 5.77 23.66 -18.66
C2 NAG I . 7.09 23.30 -17.98
C3 NAG I . 8.26 23.50 -18.95
C4 NAG I . 8.01 22.72 -20.24
C5 NAG I . 6.65 23.09 -20.82
C6 NAG I . 6.28 22.27 -22.03
C7 NAG I . 7.68 23.57 -15.61
C8 NAG I . 7.84 24.53 -14.47
N2 NAG I . 7.30 24.09 -16.78
O3 NAG I . 9.46 23.06 -18.32
O4 NAG I . 8.99 23.04 -21.21
O5 NAG I . 5.62 22.88 -19.84
O6 NAG I . 5.33 21.26 -21.70
O7 NAG I . 7.87 22.36 -15.48
C1 NAG I . 10.12 22.13 -21.15
C2 NAG I . 10.46 21.61 -22.53
C3 NAG I . 11.70 20.74 -22.48
C4 NAG I . 12.86 21.49 -21.83
C5 NAG I . 12.42 22.01 -20.46
C6 NAG I . 13.47 22.88 -19.82
C7 NAG I . 9.07 20.93 -24.43
C8 NAG I . 7.88 20.12 -24.87
N2 NAG I . 9.35 20.89 -23.12
O3 NAG I . 12.05 20.33 -23.80
O4 NAG I . 13.99 20.64 -21.69
O5 NAG I . 11.25 22.81 -20.59
O6 NAG I . 13.24 24.25 -20.10
O7 NAG I . 9.72 21.60 -25.22
C1 BMA I . 14.91 20.96 -22.75
C2 BMA I . 16.35 20.70 -22.27
C3 BMA I . 17.32 21.01 -23.42
C4 BMA I . 16.92 20.27 -24.71
C5 BMA I . 15.44 20.55 -25.05
C6 BMA I . 14.95 19.76 -26.24
O2 BMA I . 16.54 19.34 -21.93
O3 BMA I . 18.67 20.67 -23.07
O4 BMA I . 17.73 20.72 -25.79
O5 BMA I . 14.64 20.19 -23.91
O6 BMA I . 16.07 19.47 -27.08
C1 NAG J . 5.83 9.56 -28.32
C2 NAG J . 7.10 9.23 -27.55
C3 NAG J . 8.32 9.33 -28.45
C4 NAG J . 8.13 8.51 -29.72
C5 NAG J . 6.82 8.91 -30.40
C6 NAG J . 6.49 8.09 -31.62
C7 NAG J . 7.73 9.70 -25.22
C8 NAG J . 7.80 10.73 -24.14
N2 NAG J . 7.24 10.10 -26.39
O3 NAG J . 9.48 8.89 -27.74
O4 NAG J . 9.23 8.72 -30.60
O5 NAG J . 5.74 8.74 -29.48
O6 NAG J . 6.56 6.71 -31.35
O7 NAG J . 8.09 8.54 -25.03
C1 NAG J . 9.79 7.45 -31.00
C2 NAG J . 10.89 7.69 -32.04
C3 NAG J . 11.52 6.37 -32.46
C4 NAG J . 11.98 5.58 -31.24
C5 NAG J . 10.84 5.43 -30.24
C6 NAG J . 11.27 4.77 -28.94
C7 NAG J . 10.31 9.73 -33.28
C8 NAG J . 9.74 10.29 -34.55
N2 NAG J . 10.36 8.40 -33.19
O3 NAG J . 12.61 6.61 -33.33
O4 NAG J . 12.42 4.29 -31.63
O5 NAG J . 10.34 6.73 -29.87
O6 NAG J . 10.24 3.98 -28.39
O7 NAG J . 10.70 10.45 -32.36
C1 NAG K . 20.08 -20.57 -14.16
C2 NAG K . 21.11 -20.49 -15.27
C3 NAG K . 22.13 -21.63 -15.12
C4 NAG K . 22.71 -21.66 -13.71
C5 NAG K . 21.60 -21.59 -12.65
C6 NAG K . 22.14 -21.40 -11.26
C7 NAG K . 20.48 -19.53 -17.44
C8 NAG K . 19.78 -19.76 -18.74
N2 NAG K . 20.48 -20.55 -16.58
O3 NAG K . 23.17 -21.45 -16.07
O4 NAG K . 23.42 -22.88 -13.55
O5 NAG K . 20.73 -20.49 -12.90
O6 NAG K . 23.21 -20.47 -11.23
O7 NAG K . 21.05 -18.47 -17.18
C1 NAG K . 24.79 -22.64 -13.19
C2 NAG K . 25.36 -23.94 -12.58
C3 NAG K . 26.81 -23.75 -12.21
C4 NAG K . 27.61 -23.25 -13.41
C5 NAG K . 26.97 -22.00 -14.01
C6 NAG K . 27.63 -21.55 -15.28
C7 NAG K . 23.86 -25.48 -11.39
C8 NAG K . 23.12 -25.76 -10.12
N2 NAG K . 24.58 -24.35 -11.43
O3 NAG K . 27.35 -24.98 -11.74
O4 NAG K . 28.94 -22.94 -13.01
O5 NAG K . 25.59 -22.27 -14.33
O6 NAG K . 28.84 -22.26 -15.53
O7 NAG K . 23.82 -26.25 -12.35
C1 NAG L . -3.37 -40.76 3.63
C2 NAG L . -2.86 -42.19 3.62
C3 NAG L . -4.04 -43.17 3.59
C4 NAG L . -5.00 -42.88 4.73
C5 NAG L . -5.44 -41.42 4.69
C6 NAG L . -6.27 -41.02 5.89
C7 NAG L . -1.11 -43.46 2.46
C8 NAG L . -0.26 -43.56 1.23
N2 NAG L . -1.96 -42.44 2.51
O3 NAG L . -3.55 -44.51 3.70
O4 NAG L . -6.14 -43.72 4.62
O5 NAG L . -4.28 -40.57 4.72
O6 NAG L . -7.46 -41.78 5.99
O7 NAG L . -1.03 -44.28 3.38
C1 NAG L . -6.12 -44.67 5.70
C2 NAG L . -7.46 -45.42 5.72
C3 NAG L . -7.46 -46.46 6.83
C4 NAG L . -6.25 -47.38 6.71
C5 NAG L . -4.97 -46.55 6.64
C6 NAG L . -3.74 -47.40 6.39
C7 NAG L . -9.18 -43.93 4.82
C8 NAG L . -10.32 -43.01 5.15
N2 NAG L . -8.58 -44.51 5.86
O3 NAG L . -8.66 -47.22 6.78
O4 NAG L . -6.18 -48.25 7.83
O5 NAG L . -5.04 -45.61 5.57
O6 NAG L . -2.54 -46.64 6.57
O7 NAG L . -8.82 -44.12 3.66
C1 NAG M . -24.70 14.71 -20.31
C2 NAG M . -24.64 16.24 -20.24
C3 NAG M . -25.96 16.82 -19.75
C4 NAG M . -27.08 16.37 -20.68
C5 NAG M . -27.20 14.87 -20.52
C6 NAG M . -28.30 14.28 -21.36
C7 NAG M . -22.46 17.31 -19.84
C8 NAG M . -22.41 17.53 -21.32
N2 NAG M . -23.56 16.68 -19.37
O3 NAG M . -25.88 18.25 -19.72
O4 NAG M . -28.32 17.04 -20.42
O5 NAG M . -25.97 14.28 -20.94
O6 NAG M . -28.27 14.79 -22.69
O7 NAG M . -21.57 17.67 -19.09
C1 NAG M . -28.52 17.98 -21.49
C2 NAG M . -29.21 19.22 -20.94
C3 NAG M . -29.32 20.30 -22.00
C4 NAG M . -27.97 20.58 -22.65
C5 NAG M . -27.37 19.28 -23.17
C6 NAG M . -25.98 19.45 -23.72
C7 NAG M . -30.91 19.10 -19.17
C8 NAG M . -32.30 18.67 -18.82
N2 NAG M . -30.52 18.86 -20.42
O3 NAG M . -29.81 21.49 -21.40
O4 NAG M . -28.11 21.48 -23.73
O5 NAG M . -27.26 18.34 -22.08
O6 NAG M . -25.06 18.56 -23.09
O7 NAG M . -30.17 19.64 -18.35
C1 NAG N . -8.61 -24.11 -28.26
C2 NAG N . -8.22 -25.59 -28.29
C3 NAG N . -9.05 -26.38 -27.28
C4 NAG N . -10.54 -26.21 -27.57
C5 NAG N . -10.95 -24.74 -27.65
C6 NAG N . -11.05 -24.07 -26.30
C7 NAG N . -7.81 -27.29 -30.00
C8 NAG N . -8.08 -27.73 -31.41
N2 NAG N . -8.39 -26.15 -29.61
O3 NAG N . -8.74 -25.97 -25.96
O4 NAG N . -10.86 -26.84 -28.80
O5 NAG N . -10.05 -23.96 -28.46
O6 NAG N . -11.38 -25.00 -25.28
O7 NAG N . -7.08 -27.94 -29.25
C1 NAG N . -11.30 -28.18 -28.52
C2 NAG N . -12.46 -28.51 -29.46
C3 NAG N . -12.93 -29.94 -29.22
C4 NAG N . -11.77 -30.91 -29.34
C5 NAG N . -10.62 -30.48 -28.42
C6 NAG N . -9.38 -31.32 -28.60
C7 NAG N . -13.77 -26.53 -30.09
C8 NAG N . -14.94 -25.66 -29.74
N2 NAG N . -13.56 -27.57 -29.27
O3 NAG N . -13.93 -30.27 -30.19
O4 NAG N . -12.18 -32.22 -28.97
O5 NAG N . -10.24 -29.12 -28.72
O6 NAG N . -8.90 -31.28 -29.93
O7 NAG N . -13.04 -26.29 -31.04
C1 NAG O . 8.04 -40.28 -8.15
C2 NAG O . 9.56 -40.43 -8.18
C3 NAG O . 9.97 -41.47 -9.23
C4 NAG O . 9.24 -42.78 -9.00
C5 NAG O . 7.74 -42.51 -9.00
C6 NAG O . 6.90 -43.74 -8.71
C7 NAG O . 10.07 -38.46 -9.58
C8 NAG O . 10.84 -37.18 -9.66
N2 NAG O . 10.22 -39.16 -8.45
O3 NAG O . 11.39 -41.68 -9.17
O4 NAG O . 9.53 -43.70 -10.06
O5 NAG O . 7.44 -41.56 -7.97
O6 NAG O . 7.37 -44.44 -7.56
O7 NAG O . 9.33 -38.83 -10.49
C1 NAG O . 10.17 -44.85 -9.49
C2 NAG O . 10.69 -45.74 -10.63
C3 NAG O . 11.45 -46.94 -10.06
C4 NAG O . 12.54 -46.47 -9.10
C5 NAG O . 11.94 -45.56 -8.03
C6 NAG O . 12.98 -44.97 -7.11
C7 NAG O . 9.19 -45.50 -12.56
C8 NAG O . 8.07 -46.11 -13.34
N2 NAG O . 9.61 -46.19 -11.49
O3 NAG O . 12.01 -47.69 -11.12
O4 NAG O . 13.16 -47.59 -8.48
O5 NAG O . 11.26 -44.46 -8.65
O6 NAG O . 13.87 -44.10 -7.80
O7 NAG O . 9.70 -44.43 -12.88
C1 NAG P . 13.60 4.13 12.62
C2 NAG P . 12.78 3.67 13.84
C3 NAG P . 12.80 2.14 13.96
C4 NAG P . 14.23 1.60 13.87
C5 NAG P . 14.97 2.21 12.68
C6 NAG P . 15.53 1.16 11.74
C7 NAG P . 12.56 4.40 16.18
C8 NAG P . 13.23 5.05 17.34
N2 NAG P . 13.29 4.28 15.06
O3 NAG P . 12.01 1.58 12.93
O4 NAG P . 14.94 1.91 15.06
O5 NAG P . 14.07 3.00 11.91
O6 NAG P . 14.59 0.83 10.72
O7 NAG P . 11.40 3.99 16.24
C1 NAG Q . -13.75 15.65 14.22
C2 NAG Q . -15.15 16.26 14.15
C3 NAG Q . -15.85 16.11 15.49
C4 NAG Q . -15.85 14.65 15.93
C5 NAG Q . -14.43 14.10 15.92
C6 NAG Q . -14.36 12.61 16.20
C7 NAG Q . -15.56 18.13 12.60
C8 NAG Q . -15.42 19.59 12.37
N2 NAG Q . -15.08 17.66 13.76
O3 NAG Q . -17.19 16.58 15.38
O4 NAG Q . -16.38 14.53 17.24
O5 NAG Q . -13.83 14.28 14.62
O6 NAG Q . -14.76 12.33 17.54
O7 NAG Q . -16.07 17.38 11.77
C1 NAG R . 6.20 42.85 -27.56
C2 NAG R . 5.82 41.83 -28.63
C3 NAG R . 6.26 42.33 -30.03
C4 NAG R . 5.74 43.74 -30.29
C5 NAG R . 6.20 44.66 -29.16
C6 NAG R . 5.68 46.08 -29.29
C7 NAG R . 5.89 39.70 -27.46
C8 NAG R . 6.62 38.41 -27.27
N2 NAG R . 6.41 40.55 -28.34
O3 NAG R . 5.78 41.45 -31.04
O4 NAG R . 6.23 44.24 -31.52
O5 NAG R . 5.69 44.16 -27.92
O6 NAG R . 5.37 46.64 -28.03
O7 NAG R . 4.86 39.96 -26.85
C1 NAG S . 14.45 -7.92 -23.75
C2 NAG S . 14.52 -7.42 -22.30
C3 NAG S . 15.75 -6.56 -22.09
C4 NAG S . 17.01 -7.31 -22.52
C5 NAG S . 16.85 -7.76 -23.97
C6 NAG S . 18.01 -8.60 -24.45
C7 NAG S . 12.67 -6.82 -20.79
C8 NAG S . 13.25 -7.81 -19.83
N2 NAG S . 13.31 -6.68 -21.95
O3 NAG S . 15.85 -6.21 -20.71
O4 NAG S . 18.15 -6.46 -22.41
O5 NAG S . 15.68 -8.58 -24.09
O6 NAG S . 17.62 -9.46 -25.51
O7 NAG S . 11.66 -6.18 -20.52
C1 NAG T . 14.34 -13.78 10.80
C2 NAG T . 13.07 -13.03 11.20
C3 NAG T . 13.29 -11.53 11.03
C4 NAG T . 14.51 -11.08 11.82
C5 NAG T . 15.74 -11.90 11.44
C6 NAG T . 16.96 -11.61 12.27
C7 NAG T . 10.81 -13.95 10.94
C8 NAG T . 9.73 -14.35 9.97
N2 NAG T . 11.94 -13.48 10.40
O3 NAG T . 12.14 -10.80 11.38
O4 NAG T . 14.77 -9.70 11.59
O5 NAG T . 15.44 -13.30 11.60
O6 NAG T . 17.27 -12.71 13.12
O7 NAG T . 10.66 -14.05 12.15
C1 NAG U . -10.14 -5.15 36.78
C2 NAG U . -8.66 -5.53 36.89
C3 NAG U . -8.09 -5.80 35.50
C4 NAG U . -8.28 -4.61 34.58
C5 NAG U . -9.72 -4.10 34.56
C6 NAG U . -10.65 -4.93 33.72
C7 NAG U . -6.70 -4.70 38.10
C8 NAG U . -6.06 -3.50 38.75
N2 NAG U . -7.90 -4.49 37.56
O3 NAG U . -8.69 -6.97 34.95
O4 NAG U . -7.41 -3.55 34.98
O5 NAG U . -10.30 -4.02 35.88
O6 NAG U . -12.01 -4.58 33.92
O7 NAG U . -6.15 -5.79 38.07
C1 NAG V . -11.75 -40.80 39.31
C2 NAG V . -11.70 -40.78 40.83
C3 NAG V . -11.05 -42.07 41.33
C4 NAG V . -11.80 -43.27 40.78
C5 NAG V . -11.93 -43.18 39.26
C6 NAG V . -12.81 -44.26 38.67
C7 NAG V . -11.41 -38.84 42.31
C8 NAG V . -12.74 -39.21 42.90
N2 NAG V . -10.97 -39.62 41.32
O3 NAG V . -11.08 -42.09 42.76
O4 NAG V . -11.10 -44.47 41.10
O5 NAG V . -12.52 -41.93 38.88
O6 NAG V . -14.17 -44.08 39.04
O7 NAG V . -10.78 -37.87 42.70
C1 NAG W . -17.40 -25.43 24.74
C2 NAG W . -17.41 -26.54 23.69
C3 NAG W . -17.42 -25.93 22.28
C4 NAG W . -18.58 -24.95 22.14
C5 NAG W . -18.57 -23.94 23.28
C6 NAG W . -19.78 -23.03 23.28
C7 NAG W . -15.00 -27.06 23.79
C8 NAG W . -13.98 -28.15 24.00
N2 NAG W . -16.27 -27.44 23.86
O3 NAG W . -17.56 -26.98 21.32
O4 NAG W . -18.48 -24.27 20.90
O5 NAG W . -18.55 -24.60 24.55
O6 NAG W . -19.60 -21.92 24.15
O7 NAG W . -14.66 -25.91 23.58
#